data_1BDZ
# 
_entry.id   1BDZ 
# 
_audit_conform.dict_name       mmcif_pdbx.dic 
_audit_conform.dict_version    5.392 
_audit_conform.dict_location   http://mmcif.pdb.org/dictionaries/ascii/mmcif_pdbx.dic 
# 
loop_
_database_2.database_id 
_database_2.database_code 
_database_2.pdbx_database_accession 
_database_2.pdbx_DOI 
PDB   1BDZ         pdb_00001bdz 10.2210/pdb1bdz/pdb 
WWPDB D_1000171641 ?            ?                   
# 
loop_
_pdbx_audit_revision_history.ordinal 
_pdbx_audit_revision_history.data_content_type 
_pdbx_audit_revision_history.major_revision 
_pdbx_audit_revision_history.minor_revision 
_pdbx_audit_revision_history.revision_date 
1 'Structure model' 1 0 1998-12-02 
2 'Structure model' 1 1 2008-03-24 
3 'Structure model' 1 2 2011-07-13 
4 'Structure model' 1 3 2022-02-16 
5 'Structure model' 1 4 2024-05-22 
# 
_pdbx_audit_revision_details.ordinal             1 
_pdbx_audit_revision_details.revision_ordinal    1 
_pdbx_audit_revision_details.data_content_type   'Structure model' 
_pdbx_audit_revision_details.provider            repository 
_pdbx_audit_revision_details.type                'Initial release' 
_pdbx_audit_revision_details.description         ? 
_pdbx_audit_revision_details.details             ? 
# 
loop_
_pdbx_audit_revision_group.ordinal 
_pdbx_audit_revision_group.revision_ordinal 
_pdbx_audit_revision_group.data_content_type 
_pdbx_audit_revision_group.group 
1 2 'Structure model' 'Version format compliance' 
2 3 'Structure model' 'Version format compliance' 
3 4 'Structure model' 'Database references'       
4 4 'Structure model' 'Derived calculations'      
5 4 'Structure model' Other                       
6 5 'Structure model' 'Data collection'           
# 
loop_
_pdbx_audit_revision_category.ordinal 
_pdbx_audit_revision_category.revision_ordinal 
_pdbx_audit_revision_category.data_content_type 
_pdbx_audit_revision_category.category 
1 4 'Structure model' database_2            
2 4 'Structure model' pdbx_database_status  
3 4 'Structure model' pdbx_struct_assembly  
4 4 'Structure model' pdbx_struct_oper_list 
5 5 'Structure model' chem_comp_atom        
6 5 'Structure model' chem_comp_bond        
# 
loop_
_pdbx_audit_revision_item.ordinal 
_pdbx_audit_revision_item.revision_ordinal 
_pdbx_audit_revision_item.data_content_type 
_pdbx_audit_revision_item.item 
1 4 'Structure model' '_database_2.pdbx_DOI'                
2 4 'Structure model' '_database_2.pdbx_database_accession' 
3 4 'Structure model' '_pdbx_database_status.process_site'  
# 
_pdbx_database_status.status_code                     REL 
_pdbx_database_status.entry_id                        1BDZ 
_pdbx_database_status.recvd_initial_deposition_date   1998-05-12 
_pdbx_database_status.deposit_site                    ? 
_pdbx_database_status.process_site                    BNL 
_pdbx_database_status.SG_entry                        . 
_pdbx_database_status.pdb_format_compatible           Y 
_pdbx_database_status.status_code_mr                  ? 
_pdbx_database_status.status_code_sf                  ? 
_pdbx_database_status.status_code_cs                  ? 
_pdbx_database_status.status_code_nmr_data            ? 
_pdbx_database_status.methods_development_category    ? 
# 
loop_
_audit_author.name 
_audit_author.pdbx_ordinal 
'Radha, P.K.' 1 
'Patel, P.K.' 2 
'Hosur, R.V.' 3 
# 
_citation.id                        primary 
_citation.title                     
'NMR structure of the extended Myb cognate sequence and modeling studies on specific DNA-Myb complexes.' 
_citation.journal_abbrev            Biochemistry 
_citation.journal_volume            37 
_citation.page_first                9952 
_citation.page_last                 9963 
_citation.year                      1998 
_citation.journal_id_ASTM           BICHAW 
_citation.country                   US 
_citation.journal_id_ISSN           0006-2960 
_citation.journal_id_CSD            0033 
_citation.book_publisher            ? 
_citation.pdbx_database_id_PubMed   9665700 
_citation.pdbx_database_id_DOI      10.1021/bi9806753 
# 
loop_
_citation_author.citation_id 
_citation_author.name 
_citation_author.ordinal 
_citation_author.identifier_ORCID 
primary 'Radha, P.K.' 1 ? 
primary 'Patel, P.K.' 2 ? 
primary 'Hosur, R.V.' 3 ? 
# 
_entity.id                         1 
_entity.type                       polymer 
_entity.src_method                 syn 
_entity.pdbx_description           
;DNA (5'-D(*AP*CP*AP*AP*CP*TP*GP*CP*AP*GP*TP*TP*GP*T)-3')
;
_entity.formula_weight             4279.804 
_entity.pdbx_number_of_molecules   2 
_entity.pdbx_ec                    ? 
_entity.pdbx_mutation              ? 
_entity.pdbx_fragment              ? 
_entity.details                    ? 
# 
_entity_poly.entity_id                      1 
_entity_poly.type                           polydeoxyribonucleotide 
_entity_poly.nstd_linkage                   no 
_entity_poly.nstd_monomer                   no 
_entity_poly.pdbx_seq_one_letter_code       '(DA)(DC)(DA)(DA)(DC)(DT)(DG)(DC)(DA)(DG)(DT)(DT)(DG)(DT)' 
_entity_poly.pdbx_seq_one_letter_code_can   ACAACTGCAGTTGT 
_entity_poly.pdbx_strand_id                 A,B 
_entity_poly.pdbx_target_identifier         ? 
# 
loop_
_entity_poly_seq.entity_id 
_entity_poly_seq.num 
_entity_poly_seq.mon_id 
_entity_poly_seq.hetero 
1 1  DA n 
1 2  DC n 
1 3  DA n 
1 4  DA n 
1 5  DC n 
1 6  DT n 
1 7  DG n 
1 8  DC n 
1 9  DA n 
1 10 DG n 
1 11 DT n 
1 12 DT n 
1 13 DG n 
1 14 DT n 
# 
_pdbx_entity_src_syn.entity_id              1 
_pdbx_entity_src_syn.pdbx_src_id            1 
_pdbx_entity_src_syn.pdbx_alt_source_flag   sample 
_pdbx_entity_src_syn.pdbx_beg_seq_num       ? 
_pdbx_entity_src_syn.pdbx_end_seq_num       ? 
_pdbx_entity_src_syn.organism_scientific    ? 
_pdbx_entity_src_syn.organism_common_name   ? 
_pdbx_entity_src_syn.ncbi_taxonomy_id       ? 
_pdbx_entity_src_syn.details                'CONTAINS C-MYB COGNATE SITE' 
# 
loop_
_chem_comp.id 
_chem_comp.type 
_chem_comp.mon_nstd_flag 
_chem_comp.name 
_chem_comp.pdbx_synonyms 
_chem_comp.formula 
_chem_comp.formula_weight 
DA 'DNA linking' y "2'-DEOXYADENOSINE-5'-MONOPHOSPHATE" ? 'C10 H14 N5 O6 P' 331.222 
DC 'DNA linking' y "2'-DEOXYCYTIDINE-5'-MONOPHOSPHATE"  ? 'C9 H14 N3 O7 P'  307.197 
DG 'DNA linking' y "2'-DEOXYGUANOSINE-5'-MONOPHOSPHATE" ? 'C10 H14 N5 O7 P' 347.221 
DT 'DNA linking' y "THYMIDINE-5'-MONOPHOSPHATE"         ? 'C10 H15 N2 O8 P' 322.208 
# 
loop_
_pdbx_poly_seq_scheme.asym_id 
_pdbx_poly_seq_scheme.entity_id 
_pdbx_poly_seq_scheme.seq_id 
_pdbx_poly_seq_scheme.mon_id 
_pdbx_poly_seq_scheme.ndb_seq_num 
_pdbx_poly_seq_scheme.pdb_seq_num 
_pdbx_poly_seq_scheme.auth_seq_num 
_pdbx_poly_seq_scheme.pdb_mon_id 
_pdbx_poly_seq_scheme.auth_mon_id 
_pdbx_poly_seq_scheme.pdb_strand_id 
_pdbx_poly_seq_scheme.pdb_ins_code 
_pdbx_poly_seq_scheme.hetero 
A 1 1  DA 1  1  1  DA A A . n 
A 1 2  DC 2  2  2  DC C A . n 
A 1 3  DA 3  3  3  DA A A . n 
A 1 4  DA 4  4  4  DA A A . n 
A 1 5  DC 5  5  5  DC C A . n 
A 1 6  DT 6  6  6  DT T A . n 
A 1 7  DG 7  7  7  DG G A . n 
A 1 8  DC 8  8  8  DC C A . n 
A 1 9  DA 9  9  9  DA A A . n 
A 1 10 DG 10 10 10 DG G A . n 
A 1 11 DT 11 11 11 DT T A . n 
A 1 12 DT 12 12 12 DT T A . n 
A 1 13 DG 13 13 13 DG G A . n 
A 1 14 DT 14 14 14 DT T A . n 
B 1 1  DA 1  1  1  DA A B . n 
B 1 2  DC 2  2  2  DC C B . n 
B 1 3  DA 3  3  3  DA A B . n 
B 1 4  DA 4  4  4  DA A B . n 
B 1 5  DC 5  5  5  DC C B . n 
B 1 6  DT 6  6  6  DT T B . n 
B 1 7  DG 7  7  7  DG G B . n 
B 1 8  DC 8  8  8  DC C B . n 
B 1 9  DA 9  9  9  DA A B . n 
B 1 10 DG 10 10 10 DG G B . n 
B 1 11 DT 11 11 11 DT T B . n 
B 1 12 DT 12 12 12 DT T B . n 
B 1 13 DG 13 13 13 DG G B . n 
B 1 14 DT 14 14 14 DT T B . n 
# 
loop_
_software.name 
_software.classification 
_software.version 
_software.citation_id 
_software.pdbx_ordinal 
X-PLOR 'model building' 3.0 ? 1 
X-PLOR refinement       3.0 ? 2 
X-PLOR phasing          3.0 ? 3 
# 
_cell.entry_id           1BDZ 
_cell.length_a           1.000 
_cell.length_b           1.000 
_cell.length_c           1.000 
_cell.angle_alpha        90.00 
_cell.angle_beta         90.00 
_cell.angle_gamma        90.00 
_cell.Z_PDB              1 
_cell.pdbx_unique_axis   ? 
# 
_symmetry.entry_id                         1BDZ 
_symmetry.space_group_name_H-M             'P 1' 
_symmetry.pdbx_full_space_group_name_H-M   ? 
_symmetry.cell_setting                     ? 
_symmetry.Int_Tables_number                1 
# 
_exptl.entry_id          1BDZ 
_exptl.method            'SOLUTION NMR' 
_exptl.crystals_number   ? 
# 
_struct.entry_id                  1BDZ 
_struct.title                     
;NMR STRUCTURE OF A 14 MER EXTENDED C-MYB COGNATE DNA SEQUENCE 5'D(APCPAPAP CPTPGPCP APGPTPTP GPT)3', MINIMIZED AVERAGE STRUCTURE
;
_struct.pdbx_model_details        ? 
_struct.pdbx_CASP_flag            ? 
_struct.pdbx_model_type_details   ? 
# 
_struct_keywords.entry_id        1BDZ 
_struct_keywords.pdbx_keywords   DNA 
_struct_keywords.text            'DEOXYRIBONUCLEIC ACID, DUPLEX DNA, C-MYB COGNATE SITE, DNA' 
# 
loop_
_struct_asym.id 
_struct_asym.pdbx_blank_PDB_chainid_flag 
_struct_asym.pdbx_modified 
_struct_asym.entity_id 
_struct_asym.details 
A N N 1 ? 
B N N 1 ? 
# 
_struct_ref.id                         1 
_struct_ref.entity_id                  1 
_struct_ref.db_name                    PDB 
_struct_ref.db_code                    1BDZ 
_struct_ref.pdbx_db_accession          1BDZ 
_struct_ref.pdbx_db_isoform            ? 
_struct_ref.pdbx_seq_one_letter_code   ? 
_struct_ref.pdbx_align_begin           ? 
# 
loop_
_struct_ref_seq.align_id 
_struct_ref_seq.ref_id 
_struct_ref_seq.pdbx_PDB_id_code 
_struct_ref_seq.pdbx_strand_id 
_struct_ref_seq.seq_align_beg 
_struct_ref_seq.pdbx_seq_align_beg_ins_code 
_struct_ref_seq.seq_align_end 
_struct_ref_seq.pdbx_seq_align_end_ins_code 
_struct_ref_seq.pdbx_db_accession 
_struct_ref_seq.db_align_beg 
_struct_ref_seq.pdbx_db_align_beg_ins_code 
_struct_ref_seq.db_align_end 
_struct_ref_seq.pdbx_db_align_end_ins_code 
_struct_ref_seq.pdbx_auth_seq_align_beg 
_struct_ref_seq.pdbx_auth_seq_align_end 
1 1 1BDZ A 1 ? 14 ? 1BDZ 1 ? 14 ? 1 14 
2 1 1BDZ B 1 ? 14 ? 1BDZ 1 ? 14 ? 1 14 
# 
_pdbx_struct_assembly.id                   1 
_pdbx_struct_assembly.details              author_defined_assembly 
_pdbx_struct_assembly.method_details       ? 
_pdbx_struct_assembly.oligomeric_details   dimeric 
_pdbx_struct_assembly.oligomeric_count     2 
# 
_pdbx_struct_assembly_gen.assembly_id       1 
_pdbx_struct_assembly_gen.oper_expression   1 
_pdbx_struct_assembly_gen.asym_id_list      A,B 
# 
_pdbx_struct_oper_list.id                   1 
_pdbx_struct_oper_list.type                 'identity operation' 
_pdbx_struct_oper_list.name                 1_555 
_pdbx_struct_oper_list.symmetry_operation   x,y,z 
_pdbx_struct_oper_list.matrix[1][1]         1.0000000000 
_pdbx_struct_oper_list.matrix[1][2]         0.0000000000 
_pdbx_struct_oper_list.matrix[1][3]         0.0000000000 
_pdbx_struct_oper_list.vector[1]            0.0000000000 
_pdbx_struct_oper_list.matrix[2][1]         0.0000000000 
_pdbx_struct_oper_list.matrix[2][2]         1.0000000000 
_pdbx_struct_oper_list.matrix[2][3]         0.0000000000 
_pdbx_struct_oper_list.vector[2]            0.0000000000 
_pdbx_struct_oper_list.matrix[3][1]         0.0000000000 
_pdbx_struct_oper_list.matrix[3][2]         0.0000000000 
_pdbx_struct_oper_list.matrix[3][3]         1.0000000000 
_pdbx_struct_oper_list.vector[3]            0.0000000000 
# 
_struct_biol.id   1 
# 
loop_
_struct_conn.id 
_struct_conn.conn_type_id 
_struct_conn.pdbx_leaving_atom_flag 
_struct_conn.pdbx_PDB_id 
_struct_conn.ptnr1_label_asym_id 
_struct_conn.ptnr1_label_comp_id 
_struct_conn.ptnr1_label_seq_id 
_struct_conn.ptnr1_label_atom_id 
_struct_conn.pdbx_ptnr1_label_alt_id 
_struct_conn.pdbx_ptnr1_PDB_ins_code 
_struct_conn.pdbx_ptnr1_standard_comp_id 
_struct_conn.ptnr1_symmetry 
_struct_conn.ptnr2_label_asym_id 
_struct_conn.ptnr2_label_comp_id 
_struct_conn.ptnr2_label_seq_id 
_struct_conn.ptnr2_label_atom_id 
_struct_conn.pdbx_ptnr2_label_alt_id 
_struct_conn.pdbx_ptnr2_PDB_ins_code 
_struct_conn.ptnr1_auth_asym_id 
_struct_conn.ptnr1_auth_comp_id 
_struct_conn.ptnr1_auth_seq_id 
_struct_conn.ptnr2_auth_asym_id 
_struct_conn.ptnr2_auth_comp_id 
_struct_conn.ptnr2_auth_seq_id 
_struct_conn.ptnr2_symmetry 
_struct_conn.pdbx_ptnr3_label_atom_id 
_struct_conn.pdbx_ptnr3_label_seq_id 
_struct_conn.pdbx_ptnr3_label_comp_id 
_struct_conn.pdbx_ptnr3_label_asym_id 
_struct_conn.pdbx_ptnr3_label_alt_id 
_struct_conn.pdbx_ptnr3_PDB_ins_code 
_struct_conn.details 
_struct_conn.pdbx_dist_value 
_struct_conn.pdbx_value_order 
_struct_conn.pdbx_role 
hydrog1  hydrog ? ? A DA 1  N1 ? ? ? 1_555 B DT 14 N3 ? ? A DA 1  B DT 14 1_555 ? ? ? ? ? ? WATSON-CRICK ? ? ? 
hydrog2  hydrog ? ? A DA 1  N6 ? ? ? 1_555 B DT 14 O4 ? ? A DA 1  B DT 14 1_555 ? ? ? ? ? ? WATSON-CRICK ? ? ? 
hydrog3  hydrog ? ? A DC 2  N3 ? ? ? 1_555 B DG 13 N1 ? ? A DC 2  B DG 13 1_555 ? ? ? ? ? ? WATSON-CRICK ? ? ? 
hydrog4  hydrog ? ? A DC 2  N4 ? ? ? 1_555 B DG 13 O6 ? ? A DC 2  B DG 13 1_555 ? ? ? ? ? ? WATSON-CRICK ? ? ? 
hydrog5  hydrog ? ? A DC 2  O2 ? ? ? 1_555 B DG 13 N2 ? ? A DC 2  B DG 13 1_555 ? ? ? ? ? ? WATSON-CRICK ? ? ? 
hydrog6  hydrog ? ? A DA 3  N1 ? ? ? 1_555 B DT 12 N3 ? ? A DA 3  B DT 12 1_555 ? ? ? ? ? ? WATSON-CRICK ? ? ? 
hydrog7  hydrog ? ? A DA 3  N6 ? ? ? 1_555 B DT 12 O4 ? ? A DA 3  B DT 12 1_555 ? ? ? ? ? ? WATSON-CRICK ? ? ? 
hydrog8  hydrog ? ? A DA 4  N1 ? ? ? 1_555 B DT 11 N3 ? ? A DA 4  B DT 11 1_555 ? ? ? ? ? ? WATSON-CRICK ? ? ? 
hydrog9  hydrog ? ? A DA 4  N6 ? ? ? 1_555 B DT 11 O4 ? ? A DA 4  B DT 11 1_555 ? ? ? ? ? ? WATSON-CRICK ? ? ? 
hydrog10 hydrog ? ? A DC 5  N3 ? ? ? 1_555 B DG 10 N1 ? ? A DC 5  B DG 10 1_555 ? ? ? ? ? ? WATSON-CRICK ? ? ? 
hydrog11 hydrog ? ? A DC 5  N4 ? ? ? 1_555 B DG 10 O6 ? ? A DC 5  B DG 10 1_555 ? ? ? ? ? ? WATSON-CRICK ? ? ? 
hydrog12 hydrog ? ? A DC 5  O2 ? ? ? 1_555 B DG 10 N2 ? ? A DC 5  B DG 10 1_555 ? ? ? ? ? ? WATSON-CRICK ? ? ? 
hydrog13 hydrog ? ? A DT 6  N3 ? ? ? 1_555 B DA 9  N1 ? ? A DT 6  B DA 9  1_555 ? ? ? ? ? ? WATSON-CRICK ? ? ? 
hydrog14 hydrog ? ? A DT 6  O4 ? ? ? 1_555 B DA 9  N6 ? ? A DT 6  B DA 9  1_555 ? ? ? ? ? ? WATSON-CRICK ? ? ? 
hydrog15 hydrog ? ? A DG 7  N1 ? ? ? 1_555 B DC 8  N3 ? ? A DG 7  B DC 8  1_555 ? ? ? ? ? ? WATSON-CRICK ? ? ? 
hydrog16 hydrog ? ? A DG 7  N2 ? ? ? 1_555 B DC 8  O2 ? ? A DG 7  B DC 8  1_555 ? ? ? ? ? ? WATSON-CRICK ? ? ? 
hydrog17 hydrog ? ? A DG 7  O6 ? ? ? 1_555 B DC 8  N4 ? ? A DG 7  B DC 8  1_555 ? ? ? ? ? ? WATSON-CRICK ? ? ? 
hydrog18 hydrog ? ? A DC 8  N3 ? ? ? 1_555 B DG 7  N1 ? ? A DC 8  B DG 7  1_555 ? ? ? ? ? ? WATSON-CRICK ? ? ? 
hydrog19 hydrog ? ? A DC 8  N4 ? ? ? 1_555 B DG 7  O6 ? ? A DC 8  B DG 7  1_555 ? ? ? ? ? ? WATSON-CRICK ? ? ? 
hydrog20 hydrog ? ? A DC 8  O2 ? ? ? 1_555 B DG 7  N2 ? ? A DC 8  B DG 7  1_555 ? ? ? ? ? ? WATSON-CRICK ? ? ? 
hydrog21 hydrog ? ? A DA 9  N1 ? ? ? 1_555 B DT 6  N3 ? ? A DA 9  B DT 6  1_555 ? ? ? ? ? ? WATSON-CRICK ? ? ? 
hydrog22 hydrog ? ? A DA 9  N6 ? ? ? 1_555 B DT 6  O4 ? ? A DA 9  B DT 6  1_555 ? ? ? ? ? ? WATSON-CRICK ? ? ? 
hydrog23 hydrog ? ? A DG 10 N1 ? ? ? 1_555 B DC 5  N3 ? ? A DG 10 B DC 5  1_555 ? ? ? ? ? ? WATSON-CRICK ? ? ? 
hydrog24 hydrog ? ? A DG 10 N2 ? ? ? 1_555 B DC 5  O2 ? ? A DG 10 B DC 5  1_555 ? ? ? ? ? ? WATSON-CRICK ? ? ? 
hydrog25 hydrog ? ? A DG 10 O6 ? ? ? 1_555 B DC 5  N4 ? ? A DG 10 B DC 5  1_555 ? ? ? ? ? ? WATSON-CRICK ? ? ? 
hydrog26 hydrog ? ? A DT 11 N3 ? ? ? 1_555 B DA 4  N1 ? ? A DT 11 B DA 4  1_555 ? ? ? ? ? ? WATSON-CRICK ? ? ? 
hydrog27 hydrog ? ? A DT 11 O4 ? ? ? 1_555 B DA 4  N6 ? ? A DT 11 B DA 4  1_555 ? ? ? ? ? ? WATSON-CRICK ? ? ? 
hydrog28 hydrog ? ? A DT 12 N3 ? ? ? 1_555 B DA 3  N1 ? ? A DT 12 B DA 3  1_555 ? ? ? ? ? ? WATSON-CRICK ? ? ? 
hydrog29 hydrog ? ? A DT 12 O4 ? ? ? 1_555 B DA 3  N6 ? ? A DT 12 B DA 3  1_555 ? ? ? ? ? ? WATSON-CRICK ? ? ? 
hydrog30 hydrog ? ? A DG 13 N1 ? ? ? 1_555 B DC 2  N3 ? ? A DG 13 B DC 2  1_555 ? ? ? ? ? ? WATSON-CRICK ? ? ? 
hydrog31 hydrog ? ? A DG 13 N2 ? ? ? 1_555 B DC 2  O2 ? ? A DG 13 B DC 2  1_555 ? ? ? ? ? ? WATSON-CRICK ? ? ? 
hydrog32 hydrog ? ? A DG 13 O6 ? ? ? 1_555 B DC 2  N4 ? ? A DG 13 B DC 2  1_555 ? ? ? ? ? ? WATSON-CRICK ? ? ? 
hydrog33 hydrog ? ? A DT 14 N3 ? ? ? 1_555 B DA 1  N1 ? ? A DT 14 B DA 1  1_555 ? ? ? ? ? ? WATSON-CRICK ? ? ? 
hydrog34 hydrog ? ? A DT 14 O4 ? ? ? 1_555 B DA 1  N6 ? ? A DT 14 B DA 1  1_555 ? ? ? ? ? ? WATSON-CRICK ? ? ? 
# 
_struct_conn_type.id          hydrog 
_struct_conn_type.criteria    ? 
_struct_conn_type.reference   ? 
# 
loop_
_pdbx_validate_rmsd_angle.id 
_pdbx_validate_rmsd_angle.PDB_model_num 
_pdbx_validate_rmsd_angle.auth_atom_id_1 
_pdbx_validate_rmsd_angle.auth_asym_id_1 
_pdbx_validate_rmsd_angle.auth_comp_id_1 
_pdbx_validate_rmsd_angle.auth_seq_id_1 
_pdbx_validate_rmsd_angle.PDB_ins_code_1 
_pdbx_validate_rmsd_angle.label_alt_id_1 
_pdbx_validate_rmsd_angle.auth_atom_id_2 
_pdbx_validate_rmsd_angle.auth_asym_id_2 
_pdbx_validate_rmsd_angle.auth_comp_id_2 
_pdbx_validate_rmsd_angle.auth_seq_id_2 
_pdbx_validate_rmsd_angle.PDB_ins_code_2 
_pdbx_validate_rmsd_angle.label_alt_id_2 
_pdbx_validate_rmsd_angle.auth_atom_id_3 
_pdbx_validate_rmsd_angle.auth_asym_id_3 
_pdbx_validate_rmsd_angle.auth_comp_id_3 
_pdbx_validate_rmsd_angle.auth_seq_id_3 
_pdbx_validate_rmsd_angle.PDB_ins_code_3 
_pdbx_validate_rmsd_angle.label_alt_id_3 
_pdbx_validate_rmsd_angle.angle_value 
_pdbx_validate_rmsd_angle.angle_target_value 
_pdbx_validate_rmsd_angle.angle_deviation 
_pdbx_validate_rmsd_angle.angle_standard_deviation 
_pdbx_validate_rmsd_angle.linker_flag 
1  1 C4    A DA 1  ? ? C5    A DA 1  ? ? C6 A DA 1  ? ? 113.94 117.00 -3.06 0.50 N 
2  1 C5    A DA 1  ? ? C6    A DA 1  ? ? N1 A DA 1  ? ? 121.14 117.70 3.44  0.50 N 
3  1 N1    A DA 1  ? ? C6    A DA 1  ? ? N6 A DA 1  ? ? 114.57 118.60 -4.03 0.60 N 
4  1 N3    A DC 2  ? ? C2    A DC 2  ? ? O2 A DC 2  ? ? 117.43 121.90 -4.47 0.70 N 
5  1 "O4'" A DA 3  ? ? "C1'" A DA 3  ? ? N9 A DA 3  ? ? 111.87 108.30 3.57  0.30 N 
6  1 C4    A DA 3  ? ? C5    A DA 3  ? ? C6 A DA 3  ? ? 113.71 117.00 -3.29 0.50 N 
7  1 C5    A DA 3  ? ? C6    A DA 3  ? ? N1 A DA 3  ? ? 121.60 117.70 3.90  0.50 N 
8  1 N1    A DA 3  ? ? C6    A DA 3  ? ? N6 A DA 3  ? ? 114.82 118.60 -3.78 0.60 N 
9  1 C4    A DA 4  ? ? C5    A DA 4  ? ? C6 A DA 4  ? ? 113.71 117.00 -3.29 0.50 N 
10 1 C5    A DA 4  ? ? C6    A DA 4  ? ? N1 A DA 4  ? ? 121.40 117.70 3.70  0.50 N 
11 1 N1    A DA 4  ? ? C6    A DA 4  ? ? N6 A DA 4  ? ? 114.34 118.60 -4.26 0.60 N 
12 1 "O4'" A DC 5  ? ? "C1'" A DC 5  ? ? N1 A DC 5  ? ? 110.29 108.30 1.99  0.30 N 
13 1 N3    A DT 6  ? ? C2    A DT 6  ? ? O2 A DT 6  ? ? 118.53 122.30 -3.77 0.60 N 
14 1 C6    A DT 6  ? ? C5    A DT 6  ? ? C7 A DT 6  ? ? 118.86 122.90 -4.04 0.60 N 
15 1 "O4'" A DG 7  ? ? "C1'" A DG 7  ? ? N9 A DG 7  ? ? 112.13 108.30 3.83  0.30 N 
16 1 C4    A DA 9  ? ? C5    A DA 9  ? ? C6 A DA 9  ? ? 113.79 117.00 -3.21 0.50 N 
17 1 C5    A DA 9  ? ? C6    A DA 9  ? ? N1 A DA 9  ? ? 121.57 117.70 3.87  0.50 N 
18 1 N1    A DA 9  ? ? C6    A DA 9  ? ? N6 A DA 9  ? ? 114.55 118.60 -4.05 0.60 N 
19 1 "O4'" A DG 10 ? ? "C1'" A DG 10 ? ? N9 A DG 10 ? ? 110.92 108.30 2.62  0.30 N 
20 1 N3    A DT 11 ? ? C2    A DT 11 ? ? O2 A DT 11 ? ? 118.37 122.30 -3.93 0.60 N 
21 1 C6    A DT 12 ? ? C5    A DT 12 ? ? C7 A DT 12 ? ? 118.65 122.90 -4.25 0.60 N 
22 1 C4    B DA 1  ? ? C5    B DA 1  ? ? C6 B DA 1  ? ? 113.84 117.00 -3.16 0.50 N 
23 1 C5    B DA 1  ? ? C6    B DA 1  ? ? N1 B DA 1  ? ? 121.13 117.70 3.43  0.50 N 
24 1 N1    B DA 1  ? ? C6    B DA 1  ? ? N6 B DA 1  ? ? 114.55 118.60 -4.05 0.60 N 
25 1 N3    B DC 2  ? ? C2    B DC 2  ? ? O2 B DC 2  ? ? 117.55 121.90 -4.35 0.70 N 
26 1 "O4'" B DA 3  ? ? "C1'" B DA 3  ? ? N9 B DA 3  ? ? 111.94 108.30 3.64  0.30 N 
27 1 C4    B DA 3  ? ? C5    B DA 3  ? ? C6 B DA 3  ? ? 113.74 117.00 -3.26 0.50 N 
28 1 C5    B DA 3  ? ? C6    B DA 3  ? ? N1 B DA 3  ? ? 121.55 117.70 3.85  0.50 N 
29 1 N1    B DA 3  ? ? C6    B DA 3  ? ? N6 B DA 3  ? ? 114.82 118.60 -3.78 0.60 N 
30 1 C4    B DA 4  ? ? C5    B DA 4  ? ? C6 B DA 4  ? ? 113.78 117.00 -3.22 0.50 N 
31 1 C5    B DA 4  ? ? C6    B DA 4  ? ? N1 B DA 4  ? ? 121.35 117.70 3.65  0.50 N 
32 1 N1    B DA 4  ? ? C6    B DA 4  ? ? N6 B DA 4  ? ? 114.43 118.60 -4.17 0.60 N 
33 1 "O4'" B DC 5  ? ? "C1'" B DC 5  ? ? N1 B DC 5  ? ? 111.16 108.30 2.86  0.30 N 
34 1 "O4'" B DT 6  ? ? "C1'" B DT 6  ? ? N1 B DT 6  ? ? 110.27 108.30 1.97  0.30 N 
35 1 N3    B DT 6  ? ? C2    B DT 6  ? ? O2 B DT 6  ? ? 118.55 122.30 -3.75 0.60 N 
36 1 C6    B DT 6  ? ? C5    B DT 6  ? ? C7 B DT 6  ? ? 118.88 122.90 -4.02 0.60 N 
37 1 "O4'" B DG 7  ? ? "C1'" B DG 7  ? ? N9 B DG 7  ? ? 112.20 108.30 3.90  0.30 N 
38 1 C4    B DA 9  ? ? C5    B DA 9  ? ? C6 B DA 9  ? ? 113.77 117.00 -3.23 0.50 N 
39 1 C5    B DA 9  ? ? C6    B DA 9  ? ? N1 B DA 9  ? ? 121.55 117.70 3.85  0.50 N 
40 1 N1    B DA 9  ? ? C6    B DA 9  ? ? N6 B DA 9  ? ? 114.52 118.60 -4.08 0.60 N 
41 1 "O4'" B DG 10 ? ? "C1'" B DG 10 ? ? N9 B DG 10 ? ? 110.72 108.30 2.42  0.30 N 
42 1 N3    B DT 11 ? ? C2    B DT 11 ? ? O2 B DT 11 ? ? 118.46 122.30 -3.84 0.60 N 
43 1 C6    B DT 12 ? ? C5    B DT 12 ? ? C7 B DT 12 ? ? 118.72 122.90 -4.18 0.60 N 
# 
loop_
_pdbx_validate_planes.id 
_pdbx_validate_planes.PDB_model_num 
_pdbx_validate_planes.auth_comp_id 
_pdbx_validate_planes.auth_asym_id 
_pdbx_validate_planes.auth_seq_id 
_pdbx_validate_planes.PDB_ins_code 
_pdbx_validate_planes.label_alt_id 
_pdbx_validate_planes.rmsd 
_pdbx_validate_planes.type 
1 1 DG A 7  ? ? 0.071 'SIDE CHAIN' 
2 1 DT A 11 ? ? 0.061 'SIDE CHAIN' 
3 1 DA B 1  ? ? 0.052 'SIDE CHAIN' 
4 1 DG B 7  ? ? 0.076 'SIDE CHAIN' 
# 
_pdbx_nmr_ensemble.entry_id                             1BDZ 
_pdbx_nmr_ensemble.conformers_calculated_total_number   24 
_pdbx_nmr_ensemble.conformers_submitted_total_number    1 
_pdbx_nmr_ensemble.conformer_selection_criteria         'GOOD R FACTOR (<0.21) AND LEAST DEVIATION IN COVALENT GEOMETRY' 
# 
_pdbx_nmr_sample_details.solution_id   1 
_pdbx_nmr_sample_details.contents      H2O 
# 
_pdbx_nmr_exptl_sample_conditions.conditions_id       1 
_pdbx_nmr_exptl_sample_conditions.temperature         298 
_pdbx_nmr_exptl_sample_conditions.pressure            0.1 
_pdbx_nmr_exptl_sample_conditions.pH                  7.0 
_pdbx_nmr_exptl_sample_conditions.ionic_strength      ? 
_pdbx_nmr_exptl_sample_conditions.pressure_units      atm 
_pdbx_nmr_exptl_sample_conditions.temperature_units   K 
# 
loop_
_pdbx_nmr_exptl.experiment_id 
_pdbx_nmr_exptl.conditions_id 
_pdbx_nmr_exptl.type 
_pdbx_nmr_exptl.solution_id 
1 1 NOESY 1 
2 1 TOCSY 1 
3 1 ECOSY 1 
4 1 HMQC  1 
# 
_pdbx_nmr_details.entry_id   1BDZ 
_pdbx_nmr_details.text       
;THE STRUCTURE WAS DETERMINED USING NOESY, CLEAN TOCSY, ECOSY AND 2D HETERONUCLEAR INVERSE DETECTED 13C-1H HMQC SPECTRUM AT NATURAL ABUNDANCE.
;
# 
_pdbx_nmr_refine.entry_id           1BDZ 
_pdbx_nmr_refine.method             'RELAXATION MATRIX AND RESTRAINED MOLECULAR DYNAMICS CALCULATION' 
_pdbx_nmr_refine.details            ? 
_pdbx_nmr_refine.software_ordinal   1 
# 
loop_
_pdbx_nmr_software.classification 
_pdbx_nmr_software.name 
_pdbx_nmr_software.version 
_pdbx_nmr_software.authors 
_pdbx_nmr_software.ordinal 
refinement           X-PLOR 3.0 BRUNGER 1 
'structure solution' UXNMR  ?   ?       2 
# 
loop_
_chem_comp_atom.comp_id 
_chem_comp_atom.atom_id 
_chem_comp_atom.type_symbol 
_chem_comp_atom.pdbx_aromatic_flag 
_chem_comp_atom.pdbx_stereo_config 
_chem_comp_atom.pdbx_ordinal 
DA OP3    O N N 1   
DA P      P N N 2   
DA OP1    O N N 3   
DA OP2    O N N 4   
DA "O5'"  O N N 5   
DA "C5'"  C N N 6   
DA "C4'"  C N R 7   
DA "O4'"  O N N 8   
DA "C3'"  C N S 9   
DA "O3'"  O N N 10  
DA "C2'"  C N N 11  
DA "C1'"  C N R 12  
DA N9     N Y N 13  
DA C8     C Y N 14  
DA N7     N Y N 15  
DA C5     C Y N 16  
DA C6     C Y N 17  
DA N6     N N N 18  
DA N1     N Y N 19  
DA C2     C Y N 20  
DA N3     N Y N 21  
DA C4     C Y N 22  
DA HOP3   H N N 23  
DA HOP2   H N N 24  
DA "H5'"  H N N 25  
DA "H5''" H N N 26  
DA "H4'"  H N N 27  
DA "H3'"  H N N 28  
DA "HO3'" H N N 29  
DA "H2'"  H N N 30  
DA "H2''" H N N 31  
DA "H1'"  H N N 32  
DA H8     H N N 33  
DA H61    H N N 34  
DA H62    H N N 35  
DA H2     H N N 36  
DC OP3    O N N 37  
DC P      P N N 38  
DC OP1    O N N 39  
DC OP2    O N N 40  
DC "O5'"  O N N 41  
DC "C5'"  C N N 42  
DC "C4'"  C N R 43  
DC "O4'"  O N N 44  
DC "C3'"  C N S 45  
DC "O3'"  O N N 46  
DC "C2'"  C N N 47  
DC "C1'"  C N R 48  
DC N1     N N N 49  
DC C2     C N N 50  
DC O2     O N N 51  
DC N3     N N N 52  
DC C4     C N N 53  
DC N4     N N N 54  
DC C5     C N N 55  
DC C6     C N N 56  
DC HOP3   H N N 57  
DC HOP2   H N N 58  
DC "H5'"  H N N 59  
DC "H5''" H N N 60  
DC "H4'"  H N N 61  
DC "H3'"  H N N 62  
DC "HO3'" H N N 63  
DC "H2'"  H N N 64  
DC "H2''" H N N 65  
DC "H1'"  H N N 66  
DC H41    H N N 67  
DC H42    H N N 68  
DC H5     H N N 69  
DC H6     H N N 70  
DG OP3    O N N 71  
DG P      P N N 72  
DG OP1    O N N 73  
DG OP2    O N N 74  
DG "O5'"  O N N 75  
DG "C5'"  C N N 76  
DG "C4'"  C N R 77  
DG "O4'"  O N N 78  
DG "C3'"  C N S 79  
DG "O3'"  O N N 80  
DG "C2'"  C N N 81  
DG "C1'"  C N R 82  
DG N9     N Y N 83  
DG C8     C Y N 84  
DG N7     N Y N 85  
DG C5     C Y N 86  
DG C6     C N N 87  
DG O6     O N N 88  
DG N1     N N N 89  
DG C2     C N N 90  
DG N2     N N N 91  
DG N3     N N N 92  
DG C4     C Y N 93  
DG HOP3   H N N 94  
DG HOP2   H N N 95  
DG "H5'"  H N N 96  
DG "H5''" H N N 97  
DG "H4'"  H N N 98  
DG "H3'"  H N N 99  
DG "HO3'" H N N 100 
DG "H2'"  H N N 101 
DG "H2''" H N N 102 
DG "H1'"  H N N 103 
DG H8     H N N 104 
DG H1     H N N 105 
DG H21    H N N 106 
DG H22    H N N 107 
DT OP3    O N N 108 
DT P      P N N 109 
DT OP1    O N N 110 
DT OP2    O N N 111 
DT "O5'"  O N N 112 
DT "C5'"  C N N 113 
DT "C4'"  C N R 114 
DT "O4'"  O N N 115 
DT "C3'"  C N S 116 
DT "O3'"  O N N 117 
DT "C2'"  C N N 118 
DT "C1'"  C N R 119 
DT N1     N N N 120 
DT C2     C N N 121 
DT O2     O N N 122 
DT N3     N N N 123 
DT C4     C N N 124 
DT O4     O N N 125 
DT C5     C N N 126 
DT C7     C N N 127 
DT C6     C N N 128 
DT HOP3   H N N 129 
DT HOP2   H N N 130 
DT "H5'"  H N N 131 
DT "H5''" H N N 132 
DT "H4'"  H N N 133 
DT "H3'"  H N N 134 
DT "HO3'" H N N 135 
DT "H2'"  H N N 136 
DT "H2''" H N N 137 
DT "H1'"  H N N 138 
DT H3     H N N 139 
DT H71    H N N 140 
DT H72    H N N 141 
DT H73    H N N 142 
DT H6     H N N 143 
# 
loop_
_chem_comp_bond.comp_id 
_chem_comp_bond.atom_id_1 
_chem_comp_bond.atom_id_2 
_chem_comp_bond.value_order 
_chem_comp_bond.pdbx_aromatic_flag 
_chem_comp_bond.pdbx_stereo_config 
_chem_comp_bond.pdbx_ordinal 
DA OP3   P      sing N N 1   
DA OP3   HOP3   sing N N 2   
DA P     OP1    doub N N 3   
DA P     OP2    sing N N 4   
DA P     "O5'"  sing N N 5   
DA OP2   HOP2   sing N N 6   
DA "O5'" "C5'"  sing N N 7   
DA "C5'" "C4'"  sing N N 8   
DA "C5'" "H5'"  sing N N 9   
DA "C5'" "H5''" sing N N 10  
DA "C4'" "O4'"  sing N N 11  
DA "C4'" "C3'"  sing N N 12  
DA "C4'" "H4'"  sing N N 13  
DA "O4'" "C1'"  sing N N 14  
DA "C3'" "O3'"  sing N N 15  
DA "C3'" "C2'"  sing N N 16  
DA "C3'" "H3'"  sing N N 17  
DA "O3'" "HO3'" sing N N 18  
DA "C2'" "C1'"  sing N N 19  
DA "C2'" "H2'"  sing N N 20  
DA "C2'" "H2''" sing N N 21  
DA "C1'" N9     sing N N 22  
DA "C1'" "H1'"  sing N N 23  
DA N9    C8     sing Y N 24  
DA N9    C4     sing Y N 25  
DA C8    N7     doub Y N 26  
DA C8    H8     sing N N 27  
DA N7    C5     sing Y N 28  
DA C5    C6     sing Y N 29  
DA C5    C4     doub Y N 30  
DA C6    N6     sing N N 31  
DA C6    N1     doub Y N 32  
DA N6    H61    sing N N 33  
DA N6    H62    sing N N 34  
DA N1    C2     sing Y N 35  
DA C2    N3     doub Y N 36  
DA C2    H2     sing N N 37  
DA N3    C4     sing Y N 38  
DC OP3   P      sing N N 39  
DC OP3   HOP3   sing N N 40  
DC P     OP1    doub N N 41  
DC P     OP2    sing N N 42  
DC P     "O5'"  sing N N 43  
DC OP2   HOP2   sing N N 44  
DC "O5'" "C5'"  sing N N 45  
DC "C5'" "C4'"  sing N N 46  
DC "C5'" "H5'"  sing N N 47  
DC "C5'" "H5''" sing N N 48  
DC "C4'" "O4'"  sing N N 49  
DC "C4'" "C3'"  sing N N 50  
DC "C4'" "H4'"  sing N N 51  
DC "O4'" "C1'"  sing N N 52  
DC "C3'" "O3'"  sing N N 53  
DC "C3'" "C2'"  sing N N 54  
DC "C3'" "H3'"  sing N N 55  
DC "O3'" "HO3'" sing N N 56  
DC "C2'" "C1'"  sing N N 57  
DC "C2'" "H2'"  sing N N 58  
DC "C2'" "H2''" sing N N 59  
DC "C1'" N1     sing N N 60  
DC "C1'" "H1'"  sing N N 61  
DC N1    C2     sing N N 62  
DC N1    C6     sing N N 63  
DC C2    O2     doub N N 64  
DC C2    N3     sing N N 65  
DC N3    C4     doub N N 66  
DC C4    N4     sing N N 67  
DC C4    C5     sing N N 68  
DC N4    H41    sing N N 69  
DC N4    H42    sing N N 70  
DC C5    C6     doub N N 71  
DC C5    H5     sing N N 72  
DC C6    H6     sing N N 73  
DG OP3   P      sing N N 74  
DG OP3   HOP3   sing N N 75  
DG P     OP1    doub N N 76  
DG P     OP2    sing N N 77  
DG P     "O5'"  sing N N 78  
DG OP2   HOP2   sing N N 79  
DG "O5'" "C5'"  sing N N 80  
DG "C5'" "C4'"  sing N N 81  
DG "C5'" "H5'"  sing N N 82  
DG "C5'" "H5''" sing N N 83  
DG "C4'" "O4'"  sing N N 84  
DG "C4'" "C3'"  sing N N 85  
DG "C4'" "H4'"  sing N N 86  
DG "O4'" "C1'"  sing N N 87  
DG "C3'" "O3'"  sing N N 88  
DG "C3'" "C2'"  sing N N 89  
DG "C3'" "H3'"  sing N N 90  
DG "O3'" "HO3'" sing N N 91  
DG "C2'" "C1'"  sing N N 92  
DG "C2'" "H2'"  sing N N 93  
DG "C2'" "H2''" sing N N 94  
DG "C1'" N9     sing N N 95  
DG "C1'" "H1'"  sing N N 96  
DG N9    C8     sing Y N 97  
DG N9    C4     sing Y N 98  
DG C8    N7     doub Y N 99  
DG C8    H8     sing N N 100 
DG N7    C5     sing Y N 101 
DG C5    C6     sing N N 102 
DG C5    C4     doub Y N 103 
DG C6    O6     doub N N 104 
DG C6    N1     sing N N 105 
DG N1    C2     sing N N 106 
DG N1    H1     sing N N 107 
DG C2    N2     sing N N 108 
DG C2    N3     doub N N 109 
DG N2    H21    sing N N 110 
DG N2    H22    sing N N 111 
DG N3    C4     sing N N 112 
DT OP3   P      sing N N 113 
DT OP3   HOP3   sing N N 114 
DT P     OP1    doub N N 115 
DT P     OP2    sing N N 116 
DT P     "O5'"  sing N N 117 
DT OP2   HOP2   sing N N 118 
DT "O5'" "C5'"  sing N N 119 
DT "C5'" "C4'"  sing N N 120 
DT "C5'" "H5'"  sing N N 121 
DT "C5'" "H5''" sing N N 122 
DT "C4'" "O4'"  sing N N 123 
DT "C4'" "C3'"  sing N N 124 
DT "C4'" "H4'"  sing N N 125 
DT "O4'" "C1'"  sing N N 126 
DT "C3'" "O3'"  sing N N 127 
DT "C3'" "C2'"  sing N N 128 
DT "C3'" "H3'"  sing N N 129 
DT "O3'" "HO3'" sing N N 130 
DT "C2'" "C1'"  sing N N 131 
DT "C2'" "H2'"  sing N N 132 
DT "C2'" "H2''" sing N N 133 
DT "C1'" N1     sing N N 134 
DT "C1'" "H1'"  sing N N 135 
DT N1    C2     sing N N 136 
DT N1    C6     sing N N 137 
DT C2    O2     doub N N 138 
DT C2    N3     sing N N 139 
DT N3    C4     sing N N 140 
DT N3    H3     sing N N 141 
DT C4    O4     doub N N 142 
DT C4    C5     sing N N 143 
DT C5    C7     sing N N 144 
DT C5    C6     doub N N 145 
DT C7    H71    sing N N 146 
DT C7    H72    sing N N 147 
DT C7    H73    sing N N 148 
DT C6    H6     sing N N 149 
# 
loop_
_ndb_struct_conf_na.entry_id 
_ndb_struct_conf_na.feature 
1BDZ 'double helix'        
1BDZ 'a-form double helix' 
1BDZ 'b-form double helix' 
# 
loop_
_ndb_struct_na_base_pair.model_number 
_ndb_struct_na_base_pair.i_label_asym_id 
_ndb_struct_na_base_pair.i_label_comp_id 
_ndb_struct_na_base_pair.i_label_seq_id 
_ndb_struct_na_base_pair.i_symmetry 
_ndb_struct_na_base_pair.j_label_asym_id 
_ndb_struct_na_base_pair.j_label_comp_id 
_ndb_struct_na_base_pair.j_label_seq_id 
_ndb_struct_na_base_pair.j_symmetry 
_ndb_struct_na_base_pair.shear 
_ndb_struct_na_base_pair.stretch 
_ndb_struct_na_base_pair.stagger 
_ndb_struct_na_base_pair.buckle 
_ndb_struct_na_base_pair.propeller 
_ndb_struct_na_base_pair.opening 
_ndb_struct_na_base_pair.pair_number 
_ndb_struct_na_base_pair.pair_name 
_ndb_struct_na_base_pair.i_auth_asym_id 
_ndb_struct_na_base_pair.i_auth_seq_id 
_ndb_struct_na_base_pair.i_PDB_ins_code 
_ndb_struct_na_base_pair.j_auth_asym_id 
_ndb_struct_na_base_pair.j_auth_seq_id 
_ndb_struct_na_base_pair.j_PDB_ins_code 
_ndb_struct_na_base_pair.hbond_type_28 
_ndb_struct_na_base_pair.hbond_type_12 
1 A DA 1  1_555 B DT 14 1_555 0.136  -0.098 0.113  8.230  -17.699 0.469  1  A_DA1:DT14_B A 1  ? B 14 ? 20 1 
1 A DC 2  1_555 B DG 13 1_555 0.726  -0.297 0.024  1.880  -15.746 1.169  2  A_DC2:DG13_B A 2  ? B 13 ? 19 1 
1 A DA 3  1_555 B DT 12 1_555 0.244  -0.079 -0.038 -4.091 -10.695 -3.042 3  A_DA3:DT12_B A 3  ? B 12 ? 20 1 
1 A DA 4  1_555 B DT 11 1_555 0.146  -0.083 0.183  0.893  -8.962  0.371  4  A_DA4:DT11_B A 4  ? B 11 ? 20 1 
1 A DC 5  1_555 B DG 10 1_555 0.583  -0.241 0.192  -3.313 4.766   -0.160 5  A_DC5:DG10_B A 5  ? B 10 ? 19 1 
1 A DT 6  1_555 B DA 9  1_555 -0.093 -0.109 -0.432 3.559  7.671   -1.660 6  A_DT6:DA9_B  A 6  ? B 9  ? 20 1 
1 A DG 7  1_555 B DC 8  1_555 -0.377 -0.305 -0.662 -0.935 21.982  -3.356 7  A_DG7:DC8_B  A 7  ? B 8  ? 19 1 
1 A DC 8  1_555 B DG 7  1_555 0.378  -0.310 -0.688 1.863  22.301  -3.458 8  A_DC8:DG7_B  A 8  ? B 7  ? 19 1 
1 A DA 9  1_555 B DT 6  1_555 0.090  -0.122 -0.472 -2.928 11.946  -2.706 9  A_DA9:DT6_B  A 9  ? B 6  ? 20 1 
1 A DG 10 1_555 B DC 5  1_555 -0.607 -0.246 0.117  3.416  3.802   -0.177 10 A_DG10:DC5_B A 10 ? B 5  ? 19 1 
1 A DT 11 1_555 B DA 4  1_555 -0.115 -0.083 0.147  -1.574 -8.979  0.596  11 A_DT11:DA4_B A 11 ? B 4  ? 20 1 
1 A DT 12 1_555 B DA 3  1_555 -0.236 -0.079 -0.097 3.912  -10.483 -2.628 12 A_DT12:DA3_B A 12 ? B 3  ? 20 1 
1 A DG 13 1_555 B DC 2  1_555 -0.727 -0.299 0.042  -2.367 -15.126 0.945  13 A_DG13:DC2_B A 13 ? B 2  ? 19 1 
1 A DT 14 1_555 B DA 1  1_555 -0.116 -0.099 0.120  -9.148 -17.318 0.909  14 A_DT14:DA1_B A 14 ? B 1  ? 20 1 
# 
loop_
_ndb_struct_na_base_pair_step.model_number 
_ndb_struct_na_base_pair_step.i_label_asym_id_1 
_ndb_struct_na_base_pair_step.i_label_comp_id_1 
_ndb_struct_na_base_pair_step.i_label_seq_id_1 
_ndb_struct_na_base_pair_step.i_symmetry_1 
_ndb_struct_na_base_pair_step.j_label_asym_id_1 
_ndb_struct_na_base_pair_step.j_label_comp_id_1 
_ndb_struct_na_base_pair_step.j_label_seq_id_1 
_ndb_struct_na_base_pair_step.j_symmetry_1 
_ndb_struct_na_base_pair_step.i_label_asym_id_2 
_ndb_struct_na_base_pair_step.i_label_comp_id_2 
_ndb_struct_na_base_pair_step.i_label_seq_id_2 
_ndb_struct_na_base_pair_step.i_symmetry_2 
_ndb_struct_na_base_pair_step.j_label_asym_id_2 
_ndb_struct_na_base_pair_step.j_label_comp_id_2 
_ndb_struct_na_base_pair_step.j_label_seq_id_2 
_ndb_struct_na_base_pair_step.j_symmetry_2 
_ndb_struct_na_base_pair_step.shift 
_ndb_struct_na_base_pair_step.slide 
_ndb_struct_na_base_pair_step.rise 
_ndb_struct_na_base_pair_step.tilt 
_ndb_struct_na_base_pair_step.roll 
_ndb_struct_na_base_pair_step.twist 
_ndb_struct_na_base_pair_step.x_displacement 
_ndb_struct_na_base_pair_step.y_displacement 
_ndb_struct_na_base_pair_step.helical_rise 
_ndb_struct_na_base_pair_step.inclination 
_ndb_struct_na_base_pair_step.tip 
_ndb_struct_na_base_pair_step.helical_twist 
_ndb_struct_na_base_pair_step.step_number 
_ndb_struct_na_base_pair_step.step_name 
_ndb_struct_na_base_pair_step.i_auth_asym_id_1 
_ndb_struct_na_base_pair_step.i_auth_seq_id_1 
_ndb_struct_na_base_pair_step.i_PDB_ins_code_1 
_ndb_struct_na_base_pair_step.j_auth_asym_id_1 
_ndb_struct_na_base_pair_step.j_auth_seq_id_1 
_ndb_struct_na_base_pair_step.j_PDB_ins_code_1 
_ndb_struct_na_base_pair_step.i_auth_asym_id_2 
_ndb_struct_na_base_pair_step.i_auth_seq_id_2 
_ndb_struct_na_base_pair_step.i_PDB_ins_code_2 
_ndb_struct_na_base_pair_step.j_auth_asym_id_2 
_ndb_struct_na_base_pair_step.j_auth_seq_id_2 
_ndb_struct_na_base_pair_step.j_PDB_ins_code_2 
1 A DA 1  1_555 B DT 14 1_555 A DC 2  1_555 B DG 13 1_555 0.162  -0.719 3.258 0.825  4.060   36.174 -1.707 -0.146 3.165 6.512   
-1.323  36.403 1  AA_DA1DC2:DG13DT14_BB A 1  ? B 14 ? A 2  ? B 13 ? 
1 A DC 2  1_555 B DG 13 1_555 A DA 3  1_555 B DT 12 1_555 0.459  -1.180 3.144 1.976  11.833  31.092 -3.846 -0.504 2.560 21.116  
-3.527  33.273 2  AA_DC2DA3:DT12DG13_BB A 2  ? B 13 ? A 3  ? B 12 ? 
1 A DA 3  1_555 B DT 12 1_555 A DA 4  1_555 B DT 11 1_555 -0.567 -0.427 2.986 -3.156 -0.848  31.810 -0.635 0.502  3.036 -1.541  
5.739   31.973 3  AA_DA3DA4:DT11DT12_BB A 3  ? B 12 ? A 4  ? B 11 ? 
1 A DA 4  1_555 B DT 11 1_555 A DC 5  1_555 B DG 10 1_555 0.721  -1.670 3.474 -0.878 -1.339  34.900 -2.566 -1.343 3.515 -2.230  
1.463   34.935 4  AA_DA4DC5:DG10DT11_BB A 4  ? B 11 ? A 5  ? B 10 ? 
1 A DC 5  1_555 B DG 10 1_555 A DT 6  1_555 B DA 9  1_555 0.097  -2.147 3.124 4.831  -3.583  26.643 -3.655 0.998  3.344 -7.650  
-10.317 27.302 5  AA_DC5DT6:DA9DG10_BB  A 5  ? B 10 ? A 6  ? B 9  ? 
1 A DT 6  1_555 B DA 9  1_555 A DG 7  1_555 B DC 8  1_555 0.590  -2.026 3.903 -0.127 -14.181 28.381 -0.200 -1.113 4.393 -26.904 
0.241   31.661 6  AA_DT6DG7:DC8DA9_BB   A 6  ? B 9  ? A 7  ? B 8  ? 
1 A DG 7  1_555 B DC 8  1_555 A DC 8  1_555 B DG 7  1_555 0.020  -2.393 3.552 -0.098 -3.839  36.568 -3.207 -0.046 3.775 -6.097  
0.155   36.762 7  AA_DG7DC8:DG7DC8_BB   A 7  ? B 8  ? A 8  ? B 7  ? 
1 A DC 8  1_555 B DG 7  1_555 A DA 9  1_555 B DT 6  1_555 -0.556 -2.184 3.978 -0.490 -16.117 27.972 0.091  0.880  4.546 -30.361 
0.924   32.206 8  AA_DC8DA9:DT6DG7_BB   A 8  ? B 7  ? A 9  ? B 6  ? 
1 A DA 9  1_555 B DT 6  1_555 A DG 10 1_555 B DC 5  1_555 -0.082 -2.248 3.233 -4.214 -5.418  25.794 -3.372 -0.990 3.589 -11.872 
9.234   26.677 9  AA_DA9DG10:DC5DT6_BB  A 9  ? B 6  ? A 10 ? B 5  ? 
1 A DG 10 1_555 B DC 5  1_555 A DT 11 1_555 B DA 4  1_555 -0.833 -1.821 3.497 0.650  -2.767  34.037 -2.624 1.531  3.613 -4.717  
-1.108  34.152 10 AA_DG10DT11:DA4DC5_BB A 10 ? B 5  ? A 11 ? B 4  ? 
1 A DT 11 1_555 B DA 4  1_555 A DT 12 1_555 B DA 3  1_555 0.545  -0.408 2.973 3.417  -0.632  32.190 -0.629 -0.423 3.021 -1.136  
-6.141  32.372 11 AA_DT11DT12:DA3DA4_BB A 11 ? B 4  ? A 12 ? B 3  ? 
1 A DT 12 1_555 B DA 3  1_555 A DG 13 1_555 B DC 2  1_555 -0.449 -1.209 3.157 -2.488 12.103  30.763 -3.971 0.408  2.542 21.746  
4.470   33.096 12 AA_DT12DG13:DC2DA3_BB A 12 ? B 3  ? A 13 ? B 2  ? 
1 A DG 13 1_555 B DC 2  1_555 A DT 14 1_555 B DA 1  1_555 -0.066 -0.738 3.274 -0.242 4.743   36.117 -1.832 0.072  3.156 7.610   
0.389   36.418 13 AA_DG13DT14:DA1DC2_BB A 13 ? B 2  ? A 14 ? B 1  ? 
# 
_pdbx_nmr_spectrometer.spectrometer_id   1 
_pdbx_nmr_spectrometer.model             'AMX 500' 
_pdbx_nmr_spectrometer.manufacturer      Bruker 
_pdbx_nmr_spectrometer.field_strength    500 
# 
_atom_sites.entry_id                    1BDZ 
_atom_sites.fract_transf_matrix[1][1]   1.000000 
_atom_sites.fract_transf_matrix[1][2]   0.000000 
_atom_sites.fract_transf_matrix[1][3]   0.000000 
_atom_sites.fract_transf_matrix[2][1]   0.000000 
_atom_sites.fract_transf_matrix[2][2]   1.000000 
_atom_sites.fract_transf_matrix[2][3]   0.000000 
_atom_sites.fract_transf_matrix[3][1]   0.000000 
_atom_sites.fract_transf_matrix[3][2]   0.000000 
_atom_sites.fract_transf_matrix[3][3]   1.000000 
_atom_sites.fract_transf_vector[1]      0.00000 
_atom_sites.fract_transf_vector[2]      0.00000 
_atom_sites.fract_transf_vector[3]      0.00000 
# 
loop_
_atom_type.symbol 
C 
H 
N 
O 
P 
# 
loop_
_atom_site.group_PDB 
_atom_site.id 
_atom_site.type_symbol 
_atom_site.label_atom_id 
_atom_site.label_alt_id 
_atom_site.label_comp_id 
_atom_site.label_asym_id 
_atom_site.label_entity_id 
_atom_site.label_seq_id 
_atom_site.pdbx_PDB_ins_code 
_atom_site.Cartn_x 
_atom_site.Cartn_y 
_atom_site.Cartn_z 
_atom_site.occupancy 
_atom_site.B_iso_or_equiv 
_atom_site.pdbx_formal_charge 
_atom_site.auth_seq_id 
_atom_site.auth_comp_id 
_atom_site.auth_asym_id 
_atom_site.auth_atom_id 
_atom_site.pdbx_PDB_model_num 
ATOM 1   O "O5'"  . DA A 1 1  ? 10.888  -19.468 1.290   1.00 0.00 ? 1  DA A "O5'"  1 
ATOM 2   C "C5'"  . DA A 1 1  ? 10.972  -20.875 1.408   1.00 0.00 ? 1  DA A "C5'"  1 
ATOM 3   C "C4'"  . DA A 1 1  ? 9.818   -21.465 2.239   1.00 0.00 ? 1  DA A "C4'"  1 
ATOM 4   O "O4'"  . DA A 1 1  ? 9.893   -20.997 3.579   1.00 0.00 ? 1  DA A "O4'"  1 
ATOM 5   C "C3'"  . DA A 1 1  ? 8.432   -21.089 1.686   1.00 0.00 ? 1  DA A "C3'"  1 
ATOM 6   O "O3'"  . DA A 1 1  ? 7.591   -22.223 1.731   1.00 0.00 ? 1  DA A "O3'"  1 
ATOM 7   C "C2'"  . DA A 1 1  ? 7.983   -20.021 2.678   1.00 0.00 ? 1  DA A "C2'"  1 
ATOM 8   C "C1'"  . DA A 1 1  ? 8.618   -20.529 3.970   1.00 0.00 ? 1  DA A "C1'"  1 
ATOM 9   N N9     . DA A 1 1  ? 8.815   -19.457 4.964   1.00 0.00 ? 1  DA A N9     1 
ATOM 10  C C8     . DA A 1 1  ? 9.527   -18.290 4.828   1.00 0.00 ? 1  DA A C8     1 
ATOM 11  N N7     . DA A 1 1  ? 9.655   -17.606 5.931   1.00 0.00 ? 1  DA A N7     1 
ATOM 12  C C5     . DA A 1 1  ? 8.981   -18.394 6.872   1.00 0.00 ? 1  DA A C5     1 
ATOM 13  C C6     . DA A 1 1  ? 8.735   -18.305 8.261   1.00 0.00 ? 1  DA A C6     1 
ATOM 14  N N6     . DA A 1 1  ? 9.173   -17.330 9.032   1.00 0.00 ? 1  DA A N6     1 
ATOM 15  N N1     . DA A 1 1  ? 8.049   -19.259 8.905   1.00 0.00 ? 1  DA A N1     1 
ATOM 16  C C2     . DA A 1 1  ? 7.588   -20.283 8.198   1.00 0.00 ? 1  DA A C2     1 
ATOM 17  N N3     . DA A 1 1  ? 7.748   -20.501 6.898   1.00 0.00 ? 1  DA A N3     1 
ATOM 18  C C4     . DA A 1 1  ? 8.458   -19.514 6.286   1.00 0.00 ? 1  DA A C4     1 
ATOM 19  H "H5'"  . DA A 1 1  ? 11.922  -21.131 1.880   1.00 0.00 ? 1  DA A "H5'"  1 
ATOM 20  H "H5''" . DA A 1 1  ? 10.957  -21.312 0.408   1.00 0.00 ? 1  DA A "H5''" 1 
ATOM 21  H "H4'"  . DA A 1 1  ? 9.933   -22.551 2.244   1.00 0.00 ? 1  DA A "H4'"  1 
ATOM 22  H "H3'"  . DA A 1 1  ? 8.504   -20.700 0.667   1.00 0.00 ? 1  DA A "H3'"  1 
ATOM 23  H "H2'"  . DA A 1 1  ? 8.399   -19.060 2.382   1.00 0.00 ? 1  DA A "H2'"  1 
ATOM 24  H "H2''" . DA A 1 1  ? 6.901   -19.940 2.757   1.00 0.00 ? 1  DA A "H2''" 1 
ATOM 25  H "H1'"  . DA A 1 1  ? 8.031   -21.360 4.368   1.00 0.00 ? 1  DA A "H1'"  1 
ATOM 26  H H8     . DA A 1 1  ? 9.962   -17.968 3.891   1.00 0.00 ? 1  DA A H8     1 
ATOM 27  H H61    . DA A 1 1  ? 8.920   -17.363 10.010  1.00 0.00 ? 1  DA A H61    1 
ATOM 28  H H62    . DA A 1 1  ? 9.642   -16.545 8.619   1.00 0.00 ? 1  DA A H62    1 
ATOM 29  H H2     . DA A 1 1  ? 7.040   -21.034 8.744   1.00 0.00 ? 1  DA A H2     1 
ATOM 30  H "HO5'" . DA A 1 1  ? 10.087  -19.242 0.810   1.00 0.00 ? 1  DA A "HO5'" 1 
ATOM 31  P P      . DC A 1 2  ? 6.118   -22.203 1.087   1.00 0.00 ? 2  DC A P      1 
ATOM 32  O OP1    . DC A 1 2  ? 5.780   -23.587 0.695   1.00 0.00 ? 2  DC A OP1    1 
ATOM 33  O OP2    . DC A 1 2  ? 6.078   -21.116 0.088   1.00 0.00 ? 2  DC A OP2    1 
ATOM 34  O "O5'"  . DC A 1 2  ? 5.198   -21.788 2.340   1.00 0.00 ? 2  DC A "O5'"  1 
ATOM 35  C "C5'"  . DC A 1 2  ? 4.933   -22.710 3.384   1.00 0.00 ? 2  DC A "C5'"  1 
ATOM 36  C "C4'"  . DC A 1 2  ? 4.142   -22.061 4.532   1.00 0.00 ? 2  DC A "C4'"  1 
ATOM 37  O "O4'"  . DC A 1 2  ? 4.914   -21.057 5.180   1.00 0.00 ? 2  DC A "O4'"  1 
ATOM 38  C "C3'"  . DC A 1 2  ? 2.813   -21.409 4.089   1.00 0.00 ? 2  DC A "C3'"  1 
ATOM 39  O "O3'"  . DC A 1 2  ? 1.767   -21.883 4.918   1.00 0.00 ? 2  DC A "O3'"  1 
ATOM 40  C "C2'"  . DC A 1 2  ? 3.088   -19.929 4.349   1.00 0.00 ? 2  DC A "C2'"  1 
ATOM 41  C "C1'"  . DC A 1 2  ? 4.024   -20.031 5.550   1.00 0.00 ? 2  DC A "C1'"  1 
ATOM 42  N N1     . DC A 1 2  ? 4.789   -18.793 5.834   1.00 0.00 ? 2  DC A N1     1 
ATOM 43  C C2     . DC A 1 2  ? 4.892   -18.379 7.159   1.00 0.00 ? 2  DC A C2     1 
ATOM 44  O O2     . DC A 1 2  ? 4.312   -18.963 8.063   1.00 0.00 ? 2  DC A O2     1 
ATOM 45  N N3     . DC A 1 2  ? 5.648   -17.306 7.493   1.00 0.00 ? 2  DC A N3     1 
ATOM 46  C C4     . DC A 1 2  ? 6.273   -16.652 6.534   1.00 0.00 ? 2  DC A C4     1 
ATOM 47  N N4     . DC A 1 2  ? 7.073   -15.714 6.952   1.00 0.00 ? 2  DC A N4     1 
ATOM 48  C C5     . DC A 1 2  ? 6.274   -17.067 5.172   1.00 0.00 ? 2  DC A C5     1 
ATOM 49  C C6     . DC A 1 2  ? 5.508   -18.140 4.861   1.00 0.00 ? 2  DC A C6     1 
ATOM 50  H "H5'"  . DC A 1 2  ? 5.869   -23.100 3.791   1.00 0.00 ? 2  DC A "H5'"  1 
ATOM 51  H "H5''" . DC A 1 2  ? 4.349   -23.546 2.993   1.00 0.00 ? 2  DC A "H5''" 1 
ATOM 52  H "H4'"  . DC A 1 2  ? 3.937   -22.843 5.266   1.00 0.00 ? 2  DC A "H4'"  1 
ATOM 53  H "H3'"  . DC A 1 2  ? 2.601   -21.606 3.035   1.00 0.00 ? 2  DC A "H3'"  1 
ATOM 54  H "H2'"  . DC A 1 2  ? 3.587   -19.526 3.469   1.00 0.00 ? 2  DC A "H2'"  1 
ATOM 55  H "H2''" . DC A 1 2  ? 2.195   -19.344 4.563   1.00 0.00 ? 2  DC A "H2''" 1 
ATOM 56  H "H1'"  . DC A 1 2  ? 3.430   -20.375 6.401   1.00 0.00 ? 2  DC A "H1'"  1 
ATOM 57  H H41    . DC A 1 2  ? 7.050   -15.581 7.953   1.00 0.00 ? 2  DC A H41    1 
ATOM 58  H H42    . DC A 1 2  ? 7.743   -15.295 6.336   1.00 0.00 ? 2  DC A H42    1 
ATOM 59  H H5     . DC A 1 2  ? 6.836   -16.555 4.410   1.00 0.00 ? 2  DC A H5     1 
ATOM 60  H H6     . DC A 1 2  ? 5.483   -18.490 3.838   1.00 0.00 ? 2  DC A H6     1 
ATOM 61  P P      . DA A 1 3  ? 0.236   -21.452 4.686   1.00 0.00 ? 3  DA A P      1 
ATOM 62  O OP1    . DA A 1 3  ? -0.619  -22.576 5.122   1.00 0.00 ? 3  DA A OP1    1 
ATOM 63  O OP2    . DA A 1 3  ? 0.111   -20.919 3.314   1.00 0.00 ? 3  DA A OP2    1 
ATOM 64  O "O5'"  . DA A 1 3  ? 0.038   -20.230 5.720   1.00 0.00 ? 3  DA A "O5'"  1 
ATOM 65  C "C5'"  . DA A 1 3  ? -0.198  -20.459 7.103   1.00 0.00 ? 3  DA A "C5'"  1 
ATOM 66  C "C4'"  . DA A 1 3  ? -0.354  -19.141 7.884   1.00 0.00 ? 3  DA A "C4'"  1 
ATOM 67  O "O4'"  . DA A 1 3  ? 0.890   -18.444 7.965   1.00 0.00 ? 3  DA A "O4'"  1 
ATOM 68  C "C3'"  . DA A 1 3  ? -1.378  -18.183 7.232   1.00 0.00 ? 3  DA A "C3'"  1 
ATOM 69  O "O3'"  . DA A 1 3  ? -2.139  -17.462 8.177   1.00 0.00 ? 3  DA A "O3'"  1 
ATOM 70  C "C2'"  . DA A 1 3  ? -0.447  -17.141 6.631   1.00 0.00 ? 3  DA A "C2'"  1 
ATOM 71  C "C1'"  . DA A 1 3  ? 0.598   -17.082 7.742   1.00 0.00 ? 3  DA A "C1'"  1 
ATOM 72  N N9     . DA A 1 3  ? 1.797   -16.318 7.363   1.00 0.00 ? 3  DA A N9     1 
ATOM 73  C C8     . DA A 1 3  ? 2.422   -16.232 6.145   1.00 0.00 ? 3  DA A C8     1 
ATOM 74  N N7     . DA A 1 3  ? 3.430   -15.405 6.120   1.00 0.00 ? 3  DA A N7     1 
ATOM 75  C C5     . DA A 1 3  ? 3.472   -14.917 7.433   1.00 0.00 ? 3  DA A C5     1 
ATOM 76  C C6     . DA A 1 3  ? 4.278   -13.994 8.132   1.00 0.00 ? 3  DA A C6     1 
ATOM 77  N N6     . DA A 1 3  ? 5.255   -13.312 7.574   1.00 0.00 ? 3  DA A N6     1 
ATOM 78  N N1     . DA A 1 3  ? 4.070   -13.720 9.428   1.00 0.00 ? 3  DA A N1     1 
ATOM 79  C C2     . DA A 1 3  ? 3.071   -14.345 10.040  1.00 0.00 ? 3  DA A C2     1 
ATOM 80  N N3     . DA A 1 3  ? 2.229   -15.226 9.512   1.00 0.00 ? 3  DA A N3     1 
ATOM 81  C C4     . DA A 1 3  ? 2.486   -15.475 8.197   1.00 0.00 ? 3  DA A C4     1 
ATOM 82  H "H5'"  . DA A 1 3  ? 0.625   -21.032 7.538   1.00 0.00 ? 3  DA A "H5'"  1 
ATOM 83  H "H5''" . DA A 1 3  ? -1.121  -21.029 7.222   1.00 0.00 ? 3  DA A "H5''" 1 
ATOM 84  H "H4'"  . DA A 1 3  ? -0.674  -19.387 8.898   1.00 0.00 ? 3  DA A "H4'"  1 
ATOM 85  H "H3'"  . DA A 1 3  ? -2.003  -18.648 6.464   1.00 0.00 ? 3  DA A "H3'"  1 
ATOM 86  H "H2'"  . DA A 1 3  ? -0.030  -17.536 5.704   1.00 0.00 ? 3  DA A "H2'"  1 
ATOM 87  H "H2''" . DA A 1 3  ? -0.937  -16.186 6.446   1.00 0.00 ? 3  DA A "H2''" 1 
ATOM 88  H "H1'"  . DA A 1 3  ? 0.163   -16.652 8.648   1.00 0.00 ? 3  DA A "H1'"  1 
ATOM 89  H H8     . DA A 1 3  ? 2.112   -16.790 5.273   1.00 0.00 ? 3  DA A H8     1 
ATOM 90  H H61    . DA A 1 3  ? 5.764   -12.677 8.168   1.00 0.00 ? 3  DA A H61    1 
ATOM 91  H H62    . DA A 1 3  ? 5.487   -13.472 6.611   1.00 0.00 ? 3  DA A H62    1 
ATOM 92  H H2     . DA A 1 3  ? 2.925   -14.107 11.082  1.00 0.00 ? 3  DA A H2     1 
ATOM 93  P P      . DA A 1 4  ? -3.483  -18.044 8.808   1.00 0.00 ? 4  DA A P      1 
ATOM 94  O OP1    . DA A 1 4  ? -3.165  -19.293 9.531   1.00 0.00 ? 4  DA A OP1    1 
ATOM 95  O OP2    . DA A 1 4  ? -4.521  -18.036 7.757   1.00 0.00 ? 4  DA A OP2    1 
ATOM 96  O "O5'"  . DA A 1 4  ? -3.811  -16.885 9.876   1.00 0.00 ? 4  DA A "O5'"  1 
ATOM 97  C "C5'"  . DA A 1 4  ? -3.242  -16.876 11.177  1.00 0.00 ? 4  DA A "C5'"  1 
ATOM 98  C "C4'"  . DA A 1 4  ? -2.843  -15.457 11.618  1.00 0.00 ? 4  DA A "C4'"  1 
ATOM 99  O "O4'"  . DA A 1 4  ? -1.638  -15.057 10.972  1.00 0.00 ? 4  DA A "O4'"  1 
ATOM 100 C "C3'"  . DA A 1 4  ? -3.906  -14.372 11.327  1.00 0.00 ? 4  DA A "C3'"  1 
ATOM 101 O "O3'"  . DA A 1 4  ? -4.154  -13.626 12.505  1.00 0.00 ? 4  DA A "O3'"  1 
ATOM 102 C "C2'"  . DA A 1 4  ? -3.199  -13.524 10.271  1.00 0.00 ? 4  DA A "C2'"  1 
ATOM 103 C "C1'"  . DA A 1 4  ? -1.742  -13.680 10.695  1.00 0.00 ? 4  DA A "C1'"  1 
ATOM 104 N N9     . DA A 1 4  ? -0.798  -13.315 9.621   1.00 0.00 ? 4  DA A N9     1 
ATOM 105 C C8     . DA A 1 4  ? -0.768  -13.745 8.318   1.00 0.00 ? 4  DA A C8     1 
ATOM 106 N N7     . DA A 1 4  ? 0.190   -13.221 7.600   1.00 0.00 ? 4  DA A N7     1 
ATOM 107 C C5     . DA A 1 4  ? 0.855   -12.395 8.515   1.00 0.00 ? 4  DA A C5     1 
ATOM 108 C C6     . DA A 1 4  ? 1.969   -11.524 8.462   1.00 0.00 ? 4  DA A C6     1 
ATOM 109 N N6     . DA A 1 4  ? 2.674   -11.286 7.375   1.00 0.00 ? 4  DA A N6     1 
ATOM 110 N N1     . DA A 1 4  ? 2.390   -10.864 9.548   1.00 0.00 ? 4  DA A N1     1 
ATOM 111 C C2     . DA A 1 4  ? 1.733   -11.052 10.686  1.00 0.00 ? 4  DA A C2     1 
ATOM 112 N N3     . DA A 1 4  ? 0.667   -11.821 10.879  1.00 0.00 ? 4  DA A N3     1 
ATOM 113 C C4     . DA A 1 4  ? 0.274   -12.472 9.752   1.00 0.00 ? 4  DA A C4     1 
ATOM 114 H "H5'"  . DA A 1 4  ? -2.352  -17.507 11.251  1.00 0.00 ? 4  DA A "H5'"  1 
ATOM 115 H "H5''" . DA A 1 4  ? -3.991  -17.268 11.868  1.00 0.00 ? 4  DA A "H5''" 1 
ATOM 116 H "H4'"  . DA A 1 4  ? -2.641  -15.492 12.691  1.00 0.00 ? 4  DA A "H4'"  1 
ATOM 117 H "H3'"  . DA A 1 4  ? -4.834  -14.806 10.946  1.00 0.00 ? 4  DA A "H3'"  1 
ATOM 118 H "H2'"  . DA A 1 4  ? -3.375  -13.985 9.298   1.00 0.00 ? 4  DA A "H2'"  1 
ATOM 119 H "H2''" . DA A 1 4  ? -3.520  -12.485 10.249  1.00 0.00 ? 4  DA A "H2''" 1 
ATOM 120 H "H1'"  . DA A 1 4  ? -1.558  -13.105 11.606  1.00 0.00 ? 4  DA A "H1'"  1 
ATOM 121 H H8     . DA A 1 4  ? -1.486  -14.445 7.916   1.00 0.00 ? 4  DA A H8     1 
ATOM 122 H H61    . DA A 1 4  ? 3.469   -10.671 7.477   1.00 0.00 ? 4  DA A H61    1 
ATOM 123 H H62    . DA A 1 4  ? 2.418   -11.713 6.503   1.00 0.00 ? 4  DA A H62    1 
ATOM 124 H H2     . DA A 1 4  ? 2.090   -10.505 11.544  1.00 0.00 ? 4  DA A H2     1 
ATOM 125 P P      . DC A 1 5  ? -5.235  -12.436 12.547  1.00 0.00 ? 5  DC A P      1 
ATOM 126 O OP1    . DC A 1 5  ? -5.813  -12.397 13.908  1.00 0.00 ? 5  DC A OP1    1 
ATOM 127 O OP2    . DC A 1 5  ? -6.123  -12.570 11.373  1.00 0.00 ? 5  DC A OP2    1 
ATOM 128 O "O5'"  . DC A 1 5  ? -4.321  -11.125 12.347  1.00 0.00 ? 5  DC A "O5'"  1 
ATOM 129 C "C5'"  . DC A 1 5  ? -3.456  -10.676 13.380  1.00 0.00 ? 5  DC A "C5'"  1 
ATOM 130 C "C4'"  . DC A 1 5  ? -2.624  -9.457  12.951  1.00 0.00 ? 5  DC A "C4'"  1 
ATOM 131 O "O4'"  . DC A 1 5  ? -1.735  -9.775  11.888  1.00 0.00 ? 5  DC A "O4'"  1 
ATOM 132 C "C3'"  . DC A 1 5  ? -3.457  -8.237  12.502  1.00 0.00 ? 5  DC A "C3'"  1 
ATOM 133 O "O3'"  . DC A 1 5  ? -3.253  -7.163  13.402  1.00 0.00 ? 5  DC A "O3'"  1 
ATOM 134 C "C2'"  . DC A 1 5  ? -2.874  -7.934  11.119  1.00 0.00 ? 5  DC A "C2'"  1 
ATOM 135 C "C1'"  . DC A 1 5  ? -1.493  -8.576  11.189  1.00 0.00 ? 5  DC A "C1'"  1 
ATOM 136 N N1     . DC A 1 5  ? -0.969  -8.869  9.833   1.00 0.00 ? 5  DC A N1     1 
ATOM 137 C C2     . DC A 1 5  ? 0.126   -8.145  9.366   1.00 0.00 ? 5  DC A C2     1 
ATOM 138 O O2     . DC A 1 5  ? 0.715   -7.344  10.077  1.00 0.00 ? 5  DC A O2     1 
ATOM 139 N N3     . DC A 1 5  ? 0.564   -8.308  8.091   1.00 0.00 ? 5  DC A N3     1 
ATOM 140 C C4     . DC A 1 5  ? -0.063  -9.171  7.314   1.00 0.00 ? 5  DC A C4     1 
ATOM 141 N N4     . DC A 1 5  ? 0.383   -9.268  6.097   1.00 0.00 ? 5  DC A N4     1 
ATOM 142 C C5     . DC A 1 5  ? -1.158  -9.973  7.748   1.00 0.00 ? 5  DC A C5     1 
ATOM 143 C C6     . DC A 1 5  ? -1.581  -9.791  9.021   1.00 0.00 ? 5  DC A C6     1 
ATOM 144 H "H5'"  . DC A 1 5  ? -2.768  -11.476 13.664  1.00 0.00 ? 5  DC A "H5'"  1 
ATOM 145 H "H5''" . DC A 1 5  ? -4.045  -10.396 14.255  1.00 0.00 ? 5  DC A "H5''" 1 
ATOM 146 H "H4'"  . DC A 1 5  ? -2.004  -9.171  13.804  1.00 0.00 ? 5  DC A "H4'"  1 
ATOM 147 H "H3'"  . DC A 1 5  ? -4.519  -8.485  12.432  1.00 0.00 ? 5  DC A "H3'"  1 
ATOM 148 H "H2'"  . DC A 1 5  ? -3.503  -8.430  10.380  1.00 0.00 ? 5  DC A "H2'"  1 
ATOM 149 H "H2''" . DC A 1 5  ? -2.815  -6.873  10.885  1.00 0.00 ? 5  DC A "H2''" 1 
ATOM 150 H "H1'"  . DC A 1 5  ? -0.832  -7.954  11.798  1.00 0.00 ? 5  DC A "H1'"  1 
ATOM 151 H H41    . DC A 1 5  ? 1.155   -8.651  5.893   1.00 0.00 ? 5  DC A H41    1 
ATOM 152 H H42    . DC A 1 5  ? -0.031  -9.896  5.437   1.00 0.00 ? 5  DC A H42    1 
ATOM 153 H H5     . DC A 1 5  ? -1.636  -10.699 7.112   1.00 0.00 ? 5  DC A H5     1 
ATOM 154 H H6     . DC A 1 5  ? -2.417  -10.370 9.399   1.00 0.00 ? 5  DC A H6     1 
ATOM 155 P P      . DT A 1 6  ? -3.993  -5.745  13.224  1.00 0.00 ? 6  DT A P      1 
ATOM 156 O OP1    . DT A 1 6  ? -4.248  -5.190  14.571  1.00 0.00 ? 6  DT A OP1    1 
ATOM 157 O OP2    . DT A 1 6  ? -5.109  -5.915  12.271  1.00 0.00 ? 6  DT A OP2    1 
ATOM 158 O "O5'"  . DT A 1 6  ? -2.855  -4.848  12.517  1.00 0.00 ? 6  DT A "O5'"  1 
ATOM 159 C "C5'"  . DT A 1 6  ? -1.676  -4.482  13.215  1.00 0.00 ? 6  DT A "C5'"  1 
ATOM 160 C "C4'"  . DT A 1 6  ? -0.715  -3.665  12.333  1.00 0.00 ? 6  DT A "C4'"  1 
ATOM 161 O "O4'"  . DT A 1 6  ? -0.263  -4.423  11.220  1.00 0.00 ? 6  DT A "O4'"  1 
ATOM 162 C "C3'"  . DT A 1 6  ? -1.322  -2.353  11.792  1.00 0.00 ? 6  DT A "C3'"  1 
ATOM 163 O "O3'"  . DT A 1 6  ? -0.603  -1.250  12.313  1.00 0.00 ? 6  DT A "O3'"  1 
ATOM 164 C "C2'"  . DT A 1 6  ? -1.133  -2.498  10.281  1.00 0.00 ? 6  DT A "C2'"  1 
ATOM 165 C "C1'"  . DT A 1 6  ? -0.005  -3.520  10.168  1.00 0.00 ? 6  DT A "C1'"  1 
ATOM 166 N N1     . DT A 1 6  ? -0.064  -4.236  8.869   1.00 0.00 ? 6  DT A N1     1 
ATOM 167 C C2     . DT A 1 6  ? 0.936   -3.977  7.934   1.00 0.00 ? 6  DT A C2     1 
ATOM 168 O O2     . DT A 1 6  ? 1.877   -3.222  8.118   1.00 0.00 ? 6  DT A O2     1 
ATOM 169 N N3     . DT A 1 6  ? 0.833   -4.610  6.726   1.00 0.00 ? 6  DT A N3     1 
ATOM 170 C C4     . DT A 1 6  ? -0.171  -5.468  6.354   1.00 0.00 ? 6  DT A C4     1 
ATOM 171 O O4     . DT A 1 6  ? -0.135  -5.938  5.224   1.00 0.00 ? 6  DT A O4     1 
ATOM 172 C C5     . DT A 1 6  ? -1.202  -5.705  7.367   1.00 0.00 ? 6  DT A C5     1 
ATOM 173 C C7     . DT A 1 6  ? -2.408  -6.604  7.085   1.00 0.00 ? 6  DT A C7     1 
ATOM 174 C C6     . DT A 1 6  ? -1.113  -5.086  8.574   1.00 0.00 ? 6  DT A C6     1 
ATOM 175 H "H5'"  . DT A 1 6  ? -1.150  -5.378  13.554  1.00 0.00 ? 6  DT A "H5'"  1 
ATOM 176 H "H5''" . DT A 1 6  ? -1.935  -3.880  14.088  1.00 0.00 ? 6  DT A "H5''" 1 
ATOM 177 H "H4'"  . DT A 1 6  ? 0.164   -3.432  12.936  1.00 0.00 ? 6  DT A "H4'"  1 
ATOM 178 H "H3'"  . DT A 1 6  ? -2.382  -2.277  12.046  1.00 0.00 ? 6  DT A "H3'"  1 
ATOM 179 H "H2'"  . DT A 1 6  ? -2.061  -2.892  9.868   1.00 0.00 ? 6  DT A "H2'"  1 
ATOM 180 H "H2''" . DT A 1 6  ? -0.883  -1.569  9.775   1.00 0.00 ? 6  DT A "H2''" 1 
ATOM 181 H "H1'"  . DT A 1 6  ? 0.952   -3.033  10.365  1.00 0.00 ? 6  DT A "H1'"  1 
ATOM 182 H H3     . DT A 1 6  ? 1.522   -4.360  6.028   1.00 0.00 ? 6  DT A H3     1 
ATOM 183 H H71    . DT A 1 6  ? -3.257  -5.987  6.791   1.00 0.00 ? 6  DT A H71    1 
ATOM 184 H H72    . DT A 1 6  ? -2.189  -7.303  6.276   1.00 0.00 ? 6  DT A H72    1 
ATOM 185 H H73    . DT A 1 6  ? -2.685  -7.179  7.970   1.00 0.00 ? 6  DT A H73    1 
ATOM 186 H H6     . DT A 1 6  ? -1.880  -5.258  9.321   1.00 0.00 ? 6  DT A H6     1 
ATOM 187 P P      . DG A 1 7  ? -1.018  0.273   11.998  1.00 0.00 ? 7  DG A P      1 
ATOM 188 O OP1    . DG A 1 7  ? -0.579  1.112   13.134  1.00 0.00 ? 7  DG A OP1    1 
ATOM 189 O OP2    . DG A 1 7  ? -2.431  0.296   11.566  1.00 0.00 ? 7  DG A OP2    1 
ATOM 190 O "O5'"  . DG A 1 7  ? -0.093  0.631   10.730  1.00 0.00 ? 7  DG A "O5'"  1 
ATOM 191 C "C5'"  . DG A 1 7  ? 1.319   0.692   10.854  1.00 0.00 ? 7  DG A "C5'"  1 
ATOM 192 C "C4'"  . DG A 1 7  ? 2.000   0.946   9.501   1.00 0.00 ? 7  DG A "C4'"  1 
ATOM 193 O "O4'"  . DG A 1 7  ? 1.769   -0.130  8.597   1.00 0.00 ? 7  DG A "O4'"  1 
ATOM 194 C "C3'"  . DG A 1 7  ? 1.542   2.246   8.802   1.00 0.00 ? 7  DG A "C3'"  1 
ATOM 195 O "O3'"  . DG A 1 7  ? 2.674   3.030   8.472   1.00 0.00 ? 7  DG A "O3'"  1 
ATOM 196 C "C2'"  . DG A 1 7  ? 0.883   1.700   7.539   1.00 0.00 ? 7  DG A "C2'"  1 
ATOM 197 C "C1'"  . DG A 1 7  ? 1.702   0.436   7.310   1.00 0.00 ? 7  DG A "C1'"  1 
ATOM 198 N N9     . DG A 1 7  ? 1.031   -0.454  6.346   1.00 0.00 ? 7  DG A N9     1 
ATOM 199 C C8     . DG A 1 7  ? -0.148  -1.141  6.477   1.00 0.00 ? 7  DG A C8     1 
ATOM 200 N N7     . DG A 1 7  ? -0.570  -1.696  5.371   1.00 0.00 ? 7  DG A N7     1 
ATOM 201 C C5     . DG A 1 7  ? 0.419   -1.360  4.437   1.00 0.00 ? 7  DG A C5     1 
ATOM 202 C C6     . DG A 1 7  ? 0.541   -1.596  3.024   1.00 0.00 ? 7  DG A C6     1 
ATOM 203 O O6     . DG A 1 7  ? -0.248  -2.136  2.258   1.00 0.00 ? 7  DG A O6     1 
ATOM 204 N N1     . DG A 1 7  ? 1.705   -1.104  2.467   1.00 0.00 ? 7  DG A N1     1 
ATOM 205 C C2     . DG A 1 7  ? 2.626   -0.401  3.166   1.00 0.00 ? 7  DG A C2     1 
ATOM 206 N N2     . DG A 1 7  ? 3.640   0.068   2.496   1.00 0.00 ? 7  DG A N2     1 
ATOM 207 N N3     . DG A 1 7  ? 2.522   -0.104  4.455   1.00 0.00 ? 7  DG A N3     1 
ATOM 208 C C4     . DG A 1 7  ? 1.407   -0.621  5.041   1.00 0.00 ? 7  DG A C4     1 
ATOM 209 H "H5'"  . DG A 1 7  ? 1.703   -0.248  11.256  1.00 0.00 ? 7  DG A "H5'"  1 
ATOM 210 H "H5''" . DG A 1 7  ? 1.592   1.499   11.537  1.00 0.00 ? 7  DG A "H5''" 1 
ATOM 211 H "H4'"  . DG A 1 7  ? 3.076   0.995   9.684   1.00 0.00 ? 7  DG A "H4'"  1 
ATOM 212 H "H3'"  . DG A 1 7  ? 0.835   2.811   9.417   1.00 0.00 ? 7  DG A "H3'"  1 
ATOM 213 H "H2'"  . DG A 1 7  ? -0.154  1.449   7.769   1.00 0.00 ? 7  DG A "H2'"  1 
ATOM 214 H "H2''" . DG A 1 7  ? 0.918   2.383   6.693   1.00 0.00 ? 7  DG A "H2''" 1 
ATOM 215 H "H1'"  . DG A 1 7  ? 2.710   0.693   6.976   1.00 0.00 ? 7  DG A "H1'"  1 
ATOM 216 H H8     . DG A 1 7  ? -0.700  -1.194  7.404   1.00 0.00 ? 7  DG A H8     1 
ATOM 217 H H1     . DG A 1 7  ? 1.802   -1.199  1.464   1.00 0.00 ? 7  DG A H1     1 
ATOM 218 H H21    . DG A 1 7  ? 3.778   -0.171  1.525   1.00 0.00 ? 7  DG A H21    1 
ATOM 219 H H22    . DG A 1 7  ? 4.282   0.627   3.032   1.00 0.00 ? 7  DG A H22    1 
ATOM 220 P P      . DC A 1 8  ? 2.546   4.482   7.791   1.00 0.00 ? 8  DC A P      1 
ATOM 221 O OP1    . DC A 1 8  ? 3.488   5.390   8.479   1.00 0.00 ? 8  DC A OP1    1 
ATOM 222 O OP2    . DC A 1 8  ? 1.113   4.837   7.705   1.00 0.00 ? 8  DC A OP2    1 
ATOM 223 O "O5'"  . DC A 1 8  ? 3.091   4.234   6.293   1.00 0.00 ? 8  DC A "O5'"  1 
ATOM 224 C "C5'"  . DC A 1 8  ? 4.442   3.867   6.057   1.00 0.00 ? 8  DC A "C5'"  1 
ATOM 225 C "C4'"  . DC A 1 8  ? 4.805   3.881   4.560   1.00 0.00 ? 8  DC A "C4'"  1 
ATOM 226 O "O4'"  . DC A 1 8  ? 4.060   2.900   3.844   1.00 0.00 ? 8  DC A "O4'"  1 
ATOM 227 C "C3'"  . DC A 1 8  ? 4.557   5.247   3.889   1.00 0.00 ? 8  DC A "C3'"  1 
ATOM 228 O "O3'"  . DC A 1 8  ? 5.627   5.526   3.004   1.00 0.00 ? 8  DC A "O3'"  1 
ATOM 229 C "C2'"  . DC A 1 8  ? 3.270   4.974   3.120   1.00 0.00 ? 8  DC A "C2'"  1 
ATOM 230 C "C1'"  . DC A 1 8  ? 3.476   3.520   2.716   1.00 0.00 ? 8  DC A "C1'"  1 
ATOM 231 N N1     . DC A 1 8  ? 2.183   2.873   2.394   1.00 0.00 ? 8  DC A N1     1 
ATOM 232 C C2     . DC A 1 8  ? 1.912   2.546   1.068   1.00 0.00 ? 8  DC A C2     1 
ATOM 233 O O2     . DC A 1 8  ? 2.707   2.785   0.169   1.00 0.00 ? 8  DC A O2     1 
ATOM 234 N N3     . DC A 1 8  ? 0.743   1.943   0.737   1.00 0.00 ? 8  DC A N3     1 
ATOM 235 C C4     . DC A 1 8  ? -0.114  1.651   1.696   1.00 0.00 ? 8  DC A C4     1 
ATOM 236 N N4     . DC A 1 8  ? -1.218  1.085   1.301   1.00 0.00 ? 8  DC A N4     1 
ATOM 237 C C5     . DC A 1 8  ? 0.103   1.960   3.070   1.00 0.00 ? 8  DC A C5     1 
ATOM 238 C C6     . DC A 1 8  ? 1.267   2.581   3.377   1.00 0.00 ? 8  DC A C6     1 
ATOM 239 H "H5'"  . DC A 1 8  ? 4.624   2.866   6.454   1.00 0.00 ? 8  DC A "H5'"  1 
ATOM 240 H "H5''" . DC A 1 8  ? 5.113   4.565   6.562   1.00 0.00 ? 8  DC A "H5''" 1 
ATOM 241 H "H4'"  . DC A 1 8  ? 5.864   3.625   4.484   1.00 0.00 ? 8  DC A "H4'"  1 
ATOM 242 H "H3'"  . DC A 1 8  ? 4.439   6.046   4.626   1.00 0.00 ? 8  DC A "H3'"  1 
ATOM 243 H "H2'"  . DC A 1 8  ? 2.430   5.080   3.807   1.00 0.00 ? 8  DC A "H2'"  1 
ATOM 244 H "H2''" . DC A 1 8  ? 3.128   5.631   2.262   1.00 0.00 ? 8  DC A "H2''" 1 
ATOM 245 H "H1'"  . DC A 1 8  ? 4.209   3.472   1.906   1.00 0.00 ? 8  DC A "H1'"  1 
ATOM 246 H H41    . DC A 1 8  ? -1.313  1.047   0.296   1.00 0.00 ? 8  DC A H41    1 
ATOM 247 H H42    . DC A 1 8  ? -1.944  0.856   1.951   1.00 0.00 ? 8  DC A H42    1 
ATOM 248 H H5     . DC A 1 8  ? -0.612  1.729   3.843   1.00 0.00 ? 8  DC A H5     1 
ATOM 249 H H6     . DC A 1 8  ? 1.489   2.836   4.407   1.00 0.00 ? 8  DC A H6     1 
ATOM 250 P P      . DA A 1 9  ? 5.736   6.913   2.196   1.00 0.00 ? 9  DA A P      1 
ATOM 251 O OP1    . DA A 1 9  ? 7.129   7.395   2.313   1.00 0.00 ? 9  DA A OP1    1 
ATOM 252 O OP2    . DA A 1 9  ? 4.617   7.789   2.601   1.00 0.00 ? 9  DA A OP2    1 
ATOM 253 O "O5'"  . DA A 1 9  ? 5.490   6.453   0.671   1.00 0.00 ? 9  DA A "O5'"  1 
ATOM 254 C "C5'"  . DA A 1 9  ? 6.407   5.591   0.012   1.00 0.00 ? 9  DA A "C5'"  1 
ATOM 255 C "C4'"  . DA A 1 9  ? 6.051   5.387   -1.470  1.00 0.00 ? 9  DA A "C4'"  1 
ATOM 256 O "O4'"  . DA A 1 9  ? 4.794   4.728   -1.600  1.00 0.00 ? 9  DA A "O4'"  1 
ATOM 257 C "C3'"  . DA A 1 9  ? 5.984   6.709   -2.261  1.00 0.00 ? 9  DA A "C3'"  1 
ATOM 258 O "O3'"  . DA A 1 9  ? 6.642   6.543   -3.503  1.00 0.00 ? 9  DA A "O3'"  1 
ATOM 259 C "C2'"  . DA A 1 9  ? 4.481   6.875   -2.448  1.00 0.00 ? 9  DA A "C2'"  1 
ATOM 260 C "C1'"  . DA A 1 9  ? 4.024   5.424   -2.557  1.00 0.00 ? 9  DA A "C1'"  1 
ATOM 261 N N9     . DA A 1 9  ? 2.596   5.302   -2.218  1.00 0.00 ? 9  DA A N9     1 
ATOM 262 C C8     . DA A 1 9  ? 1.987   5.535   -1.011  1.00 0.00 ? 9  DA A C8     1 
ATOM 263 N N7     . DA A 1 9  ? 0.686   5.421   -1.034  1.00 0.00 ? 9  DA A N7     1 
ATOM 264 C C5     . DA A 1 9  ? 0.427   5.073   -2.366  1.00 0.00 ? 9  DA A C5     1 
ATOM 265 C C6     . DA A 1 9  ? -0.735  4.804   -3.122  1.00 0.00 ? 9  DA A C6     1 
ATOM 266 N N6     . DA A 1 9  ? -1.956  4.838   -2.629  1.00 0.00 ? 9  DA A N6     1 
ATOM 267 N N1     . DA A 1 9  ? -0.666  4.449   -4.413  1.00 0.00 ? 9  DA A N1     1 
ATOM 268 C C2     . DA A 1 9  ? 0.538   4.375   -4.967  1.00 0.00 ? 9  DA A C2     1 
ATOM 269 N N3     . DA A 1 9  ? 1.710   4.626   -4.392  1.00 0.00 ? 9  DA A N3     1 
ATOM 270 C C4     . DA A 1 9  ? 1.586   4.975   -3.083  1.00 0.00 ? 9  DA A C4     1 
ATOM 271 H "H5'"  . DA A 1 9  ? 6.418   4.617   0.507   1.00 0.00 ? 9  DA A "H5'"  1 
ATOM 272 H "H5''" . DA A 1 9  ? 7.414   6.011   0.058   1.00 0.00 ? 9  DA A "H5''" 1 
ATOM 273 H "H4'"  . DA A 1 9  ? 6.817   4.740   -1.902  1.00 0.00 ? 9  DA A "H4'"  1 
ATOM 274 H "H3'"  . DA A 1 9  ? 6.422   7.538   -1.699  1.00 0.00 ? 9  DA A "H3'"  1 
ATOM 275 H "H2'"  . DA A 1 9  ? 4.080   7.344   -1.548  1.00 0.00 ? 9  DA A "H2'"  1 
ATOM 276 H "H2''" . DA A 1 9  ? 4.212   7.466   -3.322  1.00 0.00 ? 9  DA A "H2''" 1 
ATOM 277 H "H1'"  . DA A 1 9  ? 4.248   5.033   -3.552  1.00 0.00 ? 9  DA A "H1'"  1 
ATOM 278 H H8     . DA A 1 9  ? 2.535   5.807   -0.119  1.00 0.00 ? 9  DA A H8     1 
ATOM 279 H H61    . DA A 1 9  ? -2.721  4.693   -3.271  1.00 0.00 ? 9  DA A H61    1 
ATOM 280 H H62    . DA A 1 9  ? -2.086  5.063   -1.658  1.00 0.00 ? 9  DA A H62    1 
ATOM 281 H H2     . DA A 1 9  ? 0.568   4.088   -6.007  1.00 0.00 ? 9  DA A H2     1 
ATOM 282 P P      . DG A 1 10 ? 6.816   7.752   -4.552  1.00 0.00 ? 10 DG A P      1 
ATOM 283 O OP1    . DG A 1 10 ? 8.173   7.659   -5.132  1.00 0.00 ? 10 DG A OP1    1 
ATOM 284 O OP2    . DG A 1 10 ? 6.372   9.007   -3.910  1.00 0.00 ? 10 DG A OP2    1 
ATOM 285 O "O5'"  . DG A 1 10 ? 5.755   7.368   -5.702  1.00 0.00 ? 10 DG A "O5'"  1 
ATOM 286 C "C5'"  . DG A 1 10 ? 5.935   6.205   -6.495  1.00 0.00 ? 10 DG A "C5'"  1 
ATOM 287 C "C4'"  . DG A 1 10 ? 4.822   6.045   -7.544  1.00 0.00 ? 10 DG A "C4'"  1 
ATOM 288 O "O4'"  . DG A 1 10 ? 3.556   5.880   -6.914  1.00 0.00 ? 10 DG A "O4'"  1 
ATOM 289 C "C3'"  . DG A 1 10 ? 4.714   7.240   -8.515  1.00 0.00 ? 10 DG A "C3'"  1 
ATOM 290 O "O3'"  . DG A 1 10 ? 4.589   6.748   -9.837  1.00 0.00 ? 10 DG A "O3'"  1 
ATOM 291 C "C2'"  . DG A 1 10 ? 3.413   7.886   -8.052  1.00 0.00 ? 10 DG A "C2'"  1 
ATOM 292 C "C1'"  . DG A 1 10 ? 2.622   6.654   -7.633  1.00 0.00 ? 10 DG A "C1'"  1 
ATOM 293 N N9     . DG A 1 10 ? 1.478   7.024   -6.781  1.00 0.00 ? 10 DG A N9     1 
ATOM 294 C C8     . DG A 1 10 ? 1.479   7.530   -5.507  1.00 0.00 ? 10 DG A C8     1 
ATOM 295 N N7     . DG A 1 10 ? 0.287   7.776   -5.030  1.00 0.00 ? 10 DG A N7     1 
ATOM 296 C C5     . DG A 1 10 ? -0.569  7.408   -6.076  1.00 0.00 ? 10 DG A C5     1 
ATOM 297 C C6     . DG A 1 10 ? -2.000  7.436   -6.215  1.00 0.00 ? 10 DG A C6     1 
ATOM 298 O O6     . DG A 1 10 ? -2.841  7.801   -5.405  1.00 0.00 ? 10 DG A O6     1 
ATOM 299 N N1     . DG A 1 10 ? -2.461  6.995   -7.442  1.00 0.00 ? 10 DG A N1     1 
ATOM 300 C C2     . DG A 1 10 ? -1.641  6.545   -8.423  1.00 0.00 ? 10 DG A C2     1 
ATOM 301 N N2     . DG A 1 10 ? -2.187  6.162   -9.541  1.00 0.00 ? 10 DG A N2     1 
ATOM 302 N N3     . DG A 1 10 ? -0.317  6.517   -8.342  1.00 0.00 ? 10 DG A N3     1 
ATOM 303 C C4     . DG A 1 10 ? 0.162   6.952   -7.146  1.00 0.00 ? 10 DG A C4     1 
ATOM 304 H "H5'"  . DG A 1 10 ? 5.938   5.318   -5.858  1.00 0.00 ? 10 DG A "H5'"  1 
ATOM 305 H "H5''" . DG A 1 10 ? 6.890   6.258   -7.020  1.00 0.00 ? 10 DG A "H5''" 1 
ATOM 306 H "H4'"  . DG A 1 10 ? 5.039   5.135   -8.108  1.00 0.00 ? 10 DG A "H4'"  1 
ATOM 307 H "H3'"  . DG A 1 10 ? 5.565   7.920   -8.425  1.00 0.00 ? 10 DG A "H3'"  1 
ATOM 308 H "H2'"  . DG A 1 10 ? 3.624   8.522   -7.192  1.00 0.00 ? 10 DG A "H2'"  1 
ATOM 309 H "H2''" . DG A 1 10 ? 2.907   8.459   -8.826  1.00 0.00 ? 10 DG A "H2''" 1 
ATOM 310 H "H1'"  . DG A 1 10 ? 2.301   6.096   -8.515  1.00 0.00 ? 10 DG A "H1'"  1 
ATOM 311 H H8     . DG A 1 10 ? 2.384   7.706   -4.944  1.00 0.00 ? 10 DG A H8     1 
ATOM 312 H H1     . DG A 1 10 ? -3.467  7.008   -7.573  1.00 0.00 ? 10 DG A H1     1 
ATOM 313 H H21    . DG A 1 10 ? -3.190  6.153   -9.656  1.00 0.00 ? 10 DG A H21    1 
ATOM 314 H H22    . DG A 1 10 ? -1.536  5.869   -10.251 1.00 0.00 ? 10 DG A H22    1 
ATOM 315 P P      . DT A 1 11 ? 4.490   7.719   -11.115 1.00 0.00 ? 11 DT A P      1 
ATOM 316 O OP1    . DT A 1 11 ? 5.397   7.192   -12.157 1.00 0.00 ? 11 DT A OP1    1 
ATOM 317 O OP2    . DT A 1 11 ? 4.625   9.120   -10.661 1.00 0.00 ? 11 DT A OP2    1 
ATOM 318 O "O5'"  . DT A 1 11 ? 2.973   7.504   -11.610 1.00 0.00 ? 11 DT A "O5'"  1 
ATOM 319 C "C5'"  . DT A 1 11 ? 2.511   6.240   -12.062 1.00 0.00 ? 11 DT A "C5'"  1 
ATOM 320 C "C4'"  . DT A 1 11 ? 1.108   6.326   -12.698 1.00 0.00 ? 11 DT A "C4'"  1 
ATOM 321 O "O4'"  . DT A 1 11 ? 0.143   6.738   -11.733 1.00 0.00 ? 11 DT A "O4'"  1 
ATOM 322 C "C3'"  . DT A 1 11 ? 1.062   7.322   -13.872 1.00 0.00 ? 11 DT A "C3'"  1 
ATOM 323 O "O3'"  . DT A 1 11 ? 0.139   6.880   -14.856 1.00 0.00 ? 11 DT A "O3'"  1 
ATOM 324 C "C2'"  . DT A 1 11 ? 0.483   8.548   -13.179 1.00 0.00 ? 11 DT A "C2'"  1 
ATOM 325 C "C1'"  . DT A 1 11 ? -0.515  7.885   -12.230 1.00 0.00 ? 11 DT A "C1'"  1 
ATOM 326 N N1     . DT A 1 11 ? -0.907  8.757   -11.093 1.00 0.00 ? 11 DT A N1     1 
ATOM 327 C C2     . DT A 1 11 ? -2.265  9.006   -10.914 1.00 0.00 ? 11 DT A C2     1 
ATOM 328 O O2     . DT A 1 11 ? -3.141  8.685   -11.703 1.00 0.00 ? 11 DT A O2     1 
ATOM 329 N N3     . DT A 1 11 ? -2.627  9.679   -9.780  1.00 0.00 ? 11 DT A N3     1 
ATOM 330 C C4     . DT A 1 11 ? -1.777  10.141  -8.812  1.00 0.00 ? 11 DT A C4     1 
ATOM 331 O O4     . DT A 1 11 ? -2.271  10.683  -7.832  1.00 0.00 ? 11 DT A O4     1 
ATOM 332 C C5     . DT A 1 11 ? -0.353  9.921   -9.077  1.00 0.00 ? 11 DT A C5     1 
ATOM 333 C C7     . DT A 1 11 ? 0.715   10.479  -8.135  1.00 0.00 ? 11 DT A C7     1 
ATOM 334 C C6     . DT A 1 11 ? 0.028   9.229   -10.189 1.00 0.00 ? 11 DT A C6     1 
ATOM 335 H "H5'"  . DT A 1 11 ? 2.476   5.541   -11.222 1.00 0.00 ? 11 DT A "H5'"  1 
ATOM 336 H "H5''" . DT A 1 11 ? 3.192   5.838   -12.815 1.00 0.00 ? 11 DT A "H5''" 1 
ATOM 337 H "H4'"  . DT A 1 11 ? 0.845   5.328   -13.056 1.00 0.00 ? 11 DT A "H4'"  1 
ATOM 338 H "H3'"  . DT A 1 11 ? 2.059   7.504   -14.283 1.00 0.00 ? 11 DT A "H3'"  1 
ATOM 339 H "H2'"  . DT A 1 11 ? 1.275   9.069   -12.646 1.00 0.00 ? 11 DT A "H2'"  1 
ATOM 340 H "H2''" . DT A 1 11 ? 0.003   9.226   -13.877 1.00 0.00 ? 11 DT A "H2''" 1 
ATOM 341 H "H1'"  . DT A 1 11 ? -1.365  7.536   -12.821 1.00 0.00 ? 11 DT A "H1'"  1 
ATOM 342 H H3     . DT A 1 11 ? -3.618  9.827   -9.643  1.00 0.00 ? 11 DT A H3     1 
ATOM 343 H H71    . DT A 1 11 ? 1.685   10.565  -8.629  1.00 0.00 ? 11 DT A H71    1 
ATOM 344 H H72    . DT A 1 11 ? 0.425   11.475  -7.791  1.00 0.00 ? 11 DT A H72    1 
ATOM 345 H H73    . DT A 1 11 ? 0.821   9.834   -7.264  1.00 0.00 ? 11 DT A H73    1 
ATOM 346 H H6     . DT A 1 11 ? 1.079   9.023   -10.354 1.00 0.00 ? 11 DT A H6     1 
ATOM 347 P P      . DT A 1 12 ? 0.290   7.292   -16.404 1.00 0.00 ? 12 DT A P      1 
ATOM 348 O OP1    . DT A 1 12 ? -0.908  6.827   -17.132 1.00 0.00 ? 12 DT A OP1    1 
ATOM 349 O OP2    . DT A 1 12 ? 1.629   6.855   -16.854 1.00 0.00 ? 12 DT A OP2    1 
ATOM 350 O "O5'"  . DT A 1 12 ? 0.292   8.902   -16.394 1.00 0.00 ? 12 DT A "O5'"  1 
ATOM 351 C "C5'"  . DT A 1 12 ? -0.604  9.693   -17.160 1.00 0.00 ? 12 DT A "C5'"  1 
ATOM 352 C "C4'"  . DT A 1 12 ? -2.022  9.863   -16.561 1.00 0.00 ? 12 DT A "C4'"  1 
ATOM 353 O "O4'"  . DT A 1 12 ? -1.958  10.006  -15.151 1.00 0.00 ? 12 DT A "O4'"  1 
ATOM 354 C "C3'"  . DT A 1 12 ? -2.690  11.167  -17.052 1.00 0.00 ? 12 DT A "C3'"  1 
ATOM 355 O "O3'"  . DT A 1 12 ? -3.578  11.057  -18.151 1.00 0.00 ? 12 DT A "O3'"  1 
ATOM 356 C "C2'"  . DT A 1 12 ? -3.247  11.830  -15.788 1.00 0.00 ? 12 DT A "C2'"  1 
ATOM 357 C "C1'"  . DT A 1 12 ? -3.047  10.783  -14.696 1.00 0.00 ? 12 DT A "C1'"  1 
ATOM 358 N N1     . DT A 1 12 ? -2.693  11.435  -13.406 1.00 0.00 ? 12 DT A N1     1 
ATOM 359 C C2     . DT A 1 12 ? -3.737  11.808  -12.558 1.00 0.00 ? 12 DT A C2     1 
ATOM 360 O O2     . DT A 1 12 ? -4.921  11.657  -12.817 1.00 0.00 ? 12 DT A O2     1 
ATOM 361 N N3     . DT A 1 12 ? -3.386  12.391  -11.367 1.00 0.00 ? 12 DT A N3     1 
ATOM 362 C C4     . DT A 1 12 ? -2.108  12.690  -10.968 1.00 0.00 ? 12 DT A C4     1 
ATOM 363 O O4     . DT A 1 12 ? -1.947  13.216  -9.875  1.00 0.00 ? 12 DT A O4     1 
ATOM 364 C C5     . DT A 1 12 ? -1.052  12.320  -11.908 1.00 0.00 ? 12 DT A C5     1 
ATOM 365 C C7     . DT A 1 12 ? 0.425   12.579  -11.601 1.00 0.00 ? 12 DT A C7     1 
ATOM 366 C C6     . DT A 1 12 ? -1.378  11.720  -13.081 1.00 0.00 ? 12 DT A C6     1 
ATOM 367 H "H5'"  . DT A 1 12 ? -0.672  9.338   -18.191 1.00 0.00 ? 12 DT A "H5'"  1 
ATOM 368 H "H5''" . DT A 1 12 ? -0.120  10.670  -17.184 1.00 0.00 ? 12 DT A "H5''" 1 
ATOM 369 H "H4'"  . DT A 1 12 ? -2.634  8.990   -16.796 1.00 0.00 ? 12 DT A "H4'"  1 
ATOM 370 H "H3'"  . DT A 1 12 ? -1.913  11.839  -17.421 1.00 0.00 ? 12 DT A "H3'"  1 
ATOM 371 H "H2'"  . DT A 1 12 ? -2.647  12.716  -15.573 1.00 0.00 ? 12 DT A "H2'"  1 
ATOM 372 H "H2''" . DT A 1 12 ? -4.297  12.103  -15.848 1.00 0.00 ? 12 DT A "H2''" 1 
ATOM 373 H "H1'"  . DT A 1 12 ? -3.921  10.132  -14.616 1.00 0.00 ? 12 DT A "H1'"  1 
ATOM 374 H H3     . DT A 1 12 ? -4.141  12.671  -10.752 1.00 0.00 ? 12 DT A H3     1 
ATOM 375 H H71    . DT A 1 12 ? 0.800   13.377  -12.243 1.00 0.00 ? 12 DT A H71    1 
ATOM 376 H H72    . DT A 1 12 ? 0.565   12.874  -10.560 1.00 0.00 ? 12 DT A H72    1 
ATOM 377 H H73    . DT A 1 12 ? 1.015   11.677  -11.779 1.00 0.00 ? 12 DT A H73    1 
ATOM 378 H H6     . DT A 1 12 ? -0.583  11.472  -13.773 1.00 0.00 ? 12 DT A H6     1 
ATOM 379 P P      . DG A 1 13 ? -5.072  10.468  -18.050 1.00 0.00 ? 13 DG A P      1 
ATOM 380 O OP1    . DG A 1 13 ? -5.117  9.477   -16.958 1.00 0.00 ? 13 DG A OP1    1 
ATOM 381 O OP2    . DG A 1 13 ? -5.513  10.095  -19.410 1.00 0.00 ? 13 DG A OP2    1 
ATOM 382 O "O5'"  . DG A 1 13 ? -5.942  11.744  -17.595 1.00 0.00 ? 13 DG A "O5'"  1 
ATOM 383 C "C5'"  . DG A 1 13 ? -7.312  11.604  -17.263 1.00 0.00 ? 13 DG A "C5'"  1 
ATOM 384 C "C4'"  . DG A 1 13 ? -7.883  12.883  -16.629 1.00 0.00 ? 13 DG A "C4'"  1 
ATOM 385 O "O4'"  . DG A 1 13 ? -7.257  13.151  -15.376 1.00 0.00 ? 13 DG A "O4'"  1 
ATOM 386 C "C3'"  . DG A 1 13 ? -7.742  14.146  -17.507 1.00 0.00 ? 13 DG A "C3'"  1 
ATOM 387 O "O3'"  . DG A 1 13 ? -9.018  14.745  -17.645 1.00 0.00 ? 13 DG A "O3'"  1 
ATOM 388 C "C2'"  . DG A 1 13 ? -6.784  14.991  -16.668 1.00 0.00 ? 13 DG A "C2'"  1 
ATOM 389 C "C1'"  . DG A 1 13 ? -7.125  14.547  -15.249 1.00 0.00 ? 13 DG A "C1'"  1 
ATOM 390 N N9     . DG A 1 13 ? -6.059  14.866  -14.274 1.00 0.00 ? 13 DG A N9     1 
ATOM 391 C C8     . DG A 1 13 ? -4.705  14.685  -14.385 1.00 0.00 ? 13 DG A C8     1 
ATOM 392 N N7     . DG A 1 13 ? -4.018  15.051  -13.339 1.00 0.00 ? 13 DG A N7     1 
ATOM 393 C C5     . DG A 1 13 ? -4.998  15.511  -12.452 1.00 0.00 ? 13 DG A C5     1 
ATOM 394 C C6     . DG A 1 13 ? -4.916  16.093  -11.140 1.00 0.00 ? 13 DG A C6     1 
ATOM 395 O O6     . DG A 1 13 ? -3.929  16.281  -10.440 1.00 0.00 ? 13 DG A O6     1 
ATOM 396 N N1     . DG A 1 13 ? -6.132  16.503  -10.628 1.00 0.00 ? 13 DG A N1     1 
ATOM 397 C C2     . DG A 1 13 ? -7.308  16.333  -11.279 1.00 0.00 ? 13 DG A C2     1 
ATOM 398 N N2     . DG A 1 13 ? -8.380  16.821  -10.723 1.00 0.00 ? 13 DG A N2     1 
ATOM 399 N N3     . DG A 1 13 ? -7.427  15.806  -12.491 1.00 0.00 ? 13 DG A N3     1 
ATOM 400 C C4     . DG A 1 13 ? -6.243  15.405  -13.027 1.00 0.00 ? 13 DG A C4     1 
ATOM 401 H "H5'"  . DG A 1 13 ? -7.448  10.789  -16.546 1.00 0.00 ? 13 DG A "H5'"  1 
ATOM 402 H "H5''" . DG A 1 13 ? -7.881  11.370  -18.165 1.00 0.00 ? 13 DG A "H5''" 1 
ATOM 403 H "H4'"  . DG A 1 13 ? -8.940  12.695  -16.428 1.00 0.00 ? 13 DG A "H4'"  1 
ATOM 404 H "H3'"  . DG A 1 13 ? -7.321  13.921  -18.490 1.00 0.00 ? 13 DG A "H3'"  1 
ATOM 405 H "H2'"  . DG A 1 13 ? -5.770  14.695  -16.939 1.00 0.00 ? 13 DG A "H2'"  1 
ATOM 406 H "H2''" . DG A 1 13 ? -6.903  16.061  -16.810 1.00 0.00 ? 13 DG A "H2''" 1 
ATOM 407 H "H1'"  . DG A 1 13 ? -8.083  14.981  -14.952 1.00 0.00 ? 13 DG A "H1'"  1 
ATOM 408 H H8     . DG A 1 13 ? -4.236  14.304  -15.275 1.00 0.00 ? 13 DG A H8     1 
ATOM 409 H H1     . DG A 1 13 ? -6.102  16.941  -9.715  1.00 0.00 ? 13 DG A H1     1 
ATOM 410 H H21    . DG A 1 13 ? -8.328  17.299  -9.838  1.00 0.00 ? 13 DG A H21    1 
ATOM 411 H H22    . DG A 1 13 ? -9.230  16.689  -11.237 1.00 0.00 ? 13 DG A H22    1 
ATOM 412 P P      . DT A 1 14 ? -9.253  16.163  -18.366 1.00 0.00 ? 14 DT A P      1 
ATOM 413 O OP1    . DT A 1 14 ? -10.530 16.109  -19.108 1.00 0.00 ? 14 DT A OP1    1 
ATOM 414 O OP2    . DT A 1 14 ? -8.010  16.575  -19.054 1.00 0.00 ? 14 DT A OP2    1 
ATOM 415 O "O5'"  . DT A 1 14 ? -9.468  17.120  -17.092 1.00 0.00 ? 14 DT A "O5'"  1 
ATOM 416 C "C5'"  . DT A 1 14 ? -10.556 16.906  -16.207 1.00 0.00 ? 14 DT A "C5'"  1 
ATOM 417 C "C4'"  . DT A 1 14 ? -10.555 17.925  -15.059 1.00 0.00 ? 14 DT A "C4'"  1 
ATOM 418 O "O4'"  . DT A 1 14 ? -9.382  17.775  -14.269 1.00 0.00 ? 14 DT A "O4'"  1 
ATOM 419 C "C3'"  . DT A 1 14 ? -10.594 19.380  -15.561 1.00 0.00 ? 14 DT A "C3'"  1 
ATOM 420 O "O3'"  . DT A 1 14 ? -11.504 20.156  -14.807 1.00 0.00 ? 14 DT A "O3'"  1 
ATOM 421 C "C2'"  . DT A 1 14 ? -9.190  19.877  -15.260 1.00 0.00 ? 14 DT A "C2'"  1 
ATOM 422 C "C1'"  . DT A 1 14 ? -8.859  19.057  -14.013 1.00 0.00 ? 14 DT A "C1'"  1 
ATOM 423 N N1     . DT A 1 14 ? -7.398  18.958  -13.772 1.00 0.00 ? 14 DT A N1     1 
ATOM 424 C C2     . DT A 1 14 ? -6.919  19.398  -12.541 1.00 0.00 ? 14 DT A C2     1 
ATOM 425 O O2     . DT A 1 14 ? -7.611  19.903  -11.669 1.00 0.00 ? 14 DT A O2     1 
ATOM 426 N N3     . DT A 1 14 ? -5.577  19.270  -12.321 1.00 0.00 ? 14 DT A N3     1 
ATOM 427 C C4     . DT A 1 14 ? -4.658  18.768  -13.204 1.00 0.00 ? 14 DT A C4     1 
ATOM 428 O O4     . DT A 1 14 ? -3.489  18.732  -12.842 1.00 0.00 ? 14 DT A O4     1 
ATOM 429 C C5     . DT A 1 14 ? -5.204  18.329  -14.489 1.00 0.00 ? 14 DT A C5     1 
ATOM 430 C C7     . DT A 1 14 ? -4.287  17.795  -15.591 1.00 0.00 ? 14 DT A C7     1 
ATOM 431 C C6     . DT A 1 14 ? -6.542  18.430  -14.723 1.00 0.00 ? 14 DT A C6     1 
ATOM 432 H "H5'"  . DT A 1 14 ? -10.504 15.903  -15.775 1.00 0.00 ? 14 DT A "H5'"  1 
ATOM 433 H "H5''" . DT A 1 14 ? -11.500 17.000  -16.749 1.00 0.00 ? 14 DT A "H5''" 1 
ATOM 434 H "H4'"  . DT A 1 14 ? -11.423 17.722  -14.428 1.00 0.00 ? 14 DT A "H4'"  1 
ATOM 435 H "H3'"  . DT A 1 14 ? -10.836 19.461  -16.623 1.00 0.00 ? 14 DT A "H3'"  1 
ATOM 436 H "HO3'" . DT A 1 14 ? -12.386 19.804  -14.943 1.00 0.00 ? 14 DT A "HO3'" 1 
ATOM 437 H "H2'"  . DT A 1 14 ? -8.548  19.617  -16.101 1.00 0.00 ? 14 DT A "H2'"  1 
ATOM 438 H "H2''" . DT A 1 14 ? -9.150  20.951  -15.074 1.00 0.00 ? 14 DT A "H2''" 1 
ATOM 439 H "H1'"  . DT A 1 14 ? -9.417  19.475  -13.172 1.00 0.00 ? 14 DT A "H1'"  1 
ATOM 440 H H3     . DT A 1 14 ? -5.240  19.575  -11.419 1.00 0.00 ? 14 DT A H3     1 
ATOM 441 H H71    . DT A 1 14 ? -3.913  18.626  -16.190 1.00 0.00 ? 14 DT A H71    1 
ATOM 442 H H72    . DT A 1 14 ? -3.435  17.270  -15.155 1.00 0.00 ? 14 DT A H72    1 
ATOM 443 H H73    . DT A 1 14 ? -4.810  17.101  -16.251 1.00 0.00 ? 14 DT A H73    1 
ATOM 444 H H6     . DT A 1 14 ? -6.944  18.085  -15.667 1.00 0.00 ? 14 DT A H6     1 
ATOM 445 O "O5'"  . DA B 1 1  ? -1.353  23.204  -2.863  1.00 0.00 ? 1  DA B "O5'"  1 
ATOM 446 C "C5'"  . DA B 1 1  ? -2.250  24.271  -3.087  1.00 0.00 ? 1  DA B "C5'"  1 
ATOM 447 C "C4'"  . DA B 1 1  ? -3.550  23.767  -3.728  1.00 0.00 ? 1  DA B "C4'"  1 
ATOM 448 O "O4'"  . DA B 1 1  ? -3.272  23.133  -4.972  1.00 0.00 ? 1  DA B "O4'"  1 
ATOM 449 C "C3'"  . DA B 1 1  ? -4.307  22.749  -2.850  1.00 0.00 ? 1  DA B "C3'"  1 
ATOM 450 O "O3'"  . DA B 1 1  ? -5.648  23.172  -2.719  1.00 0.00 ? 1  DA B "O3'"  1 
ATOM 451 C "C2'"  . DA B 1 1  ? -4.194  21.469  -3.676  1.00 0.00 ? 1  DA B "C2'"  1 
ATOM 452 C "C1'"  . DA B 1 1  ? -4.143  22.027  -5.093  1.00 0.00 ? 1  DA B "C1'"  1 
ATOM 453 N N9     . DA B 1 1  ? -3.561  21.081  -6.066  1.00 0.00 ? 1  DA B N9     1 
ATOM 454 C C8     . DA B 1 1  ? -2.363  20.414  -6.003  1.00 0.00 ? 1  DA B C8     1 
ATOM 455 N N7     . DA B 1 1  ? -2.042  19.777  -7.095  1.00 0.00 ? 1  DA B N7     1 
ATOM 456 C C5     . DA B 1 1  ? -3.118  20.049  -7.948  1.00 0.00 ? 1  DA B C5     1 
ATOM 457 C C6     . DA B 1 1  ? -3.451  19.722  -9.283  1.00 0.00 ? 1  DA B C6     1 
ATOM 458 N N6     . DA B 1 1  ? -2.685  19.010  -10.086 1.00 0.00 ? 1  DA B N6     1 
ATOM 459 N N1     . DA B 1 1  ? -4.588  20.155  -9.839  1.00 0.00 ? 1  DA B N1     1 
ATOM 460 C C2     . DA B 1 1  ? -5.408  20.890  -9.099  1.00 0.00 ? 1  DA B C2     1 
ATOM 461 N N3     . DA B 1 1  ? -5.224  21.283  -7.843  1.00 0.00 ? 1  DA B N3     1 
ATOM 462 C C4     . DA B 1 1  ? -4.054  20.828  -7.320  1.00 0.00 ? 1  DA B C4     1 
ATOM 463 H "H5'"  . DA B 1 1  ? -1.777  24.998  -3.748  1.00 0.00 ? 1  DA B "H5'"  1 
ATOM 464 H "H5''" . DA B 1 1  ? -2.473  24.757  -2.136  1.00 0.00 ? 1  DA B "H5''" 1 
ATOM 465 H "H4'"  . DA B 1 1  ? -4.186  24.634  -3.922  1.00 0.00 ? 1  DA B "H4'"  1 
ATOM 466 H "H3'"  . DA B 1 1  ? -3.836  22.638  -1.869  1.00 0.00 ? 1  DA B "H3'"  1 
ATOM 467 H "H2'"  . DA B 1 1  ? -3.263  20.970  -3.409  1.00 0.00 ? 1  DA B "H2'"  1 
ATOM 468 H "H2''" . DA B 1 1  ? -5.027  20.786  -3.529  1.00 0.00 ? 1  DA B "H2''" 1 
ATOM 469 H "H1'"  . DA B 1 1  ? -5.136  22.365  -5.395  1.00 0.00 ? 1  DA B "H1'"  1 
ATOM 470 H H8     . DA B 1 1  ? -1.721  20.425  -5.134  1.00 0.00 ? 1  DA B H8     1 
ATOM 471 H H61    . DA B 1 1  ? -3.038  18.818  -11.013 1.00 0.00 ? 1  DA B H61    1 
ATOM 472 H H62    . DA B 1 1  ? -1.843  18.595  -9.731  1.00 0.00 ? 1  DA B H62    1 
ATOM 473 H H2     . DA B 1 1  ? -6.316  21.226  -9.574  1.00 0.00 ? 1  DA B H2     1 
ATOM 474 H "HO5'" . DA B 1 1  ? -1.247  22.735  -3.695  1.00 0.00 ? 1  DA B "HO5'" 1 
ATOM 475 P P      . DC B 1 2  ? -6.706  22.370  -1.813  1.00 0.00 ? 2  DC B P      1 
ATOM 476 O OP1    . DC B 1 2  ? -7.659  23.353  -1.256  1.00 0.00 ? 2  DC B OP1    1 
ATOM 477 O OP2    . DC B 1 2  ? -5.952  21.472  -0.915  1.00 0.00 ? 2  DC B OP2    1 
ATOM 478 O "O5'"  . DC B 1 2  ? -7.474  21.478  -2.911  1.00 0.00 ? 2  DC B "O5'"  1 
ATOM 479 C "C5'"  . DC B 1 2  ? -8.354  22.081  -3.847  1.00 0.00 ? 2  DC B "C5'"  1 
ATOM 480 C "C4'"  . DC B 1 2  ? -8.883  21.065  -4.872  1.00 0.00 ? 2  DC B "C4'"  1 
ATOM 481 O "O4'"  . DC B 1 2  ? -7.821  20.542  -5.661  1.00 0.00 ? 2  DC B "O4'"  1 
ATOM 482 C "C3'"  . DC B 1 2  ? -9.629  19.870  -4.240  1.00 0.00 ? 2  DC B "C3'"  1 
ATOM 483 O "O3'"  . DC B 1 2  ? -10.870 19.696  -4.901  1.00 0.00 ? 2  DC B "O3'"  1 
ATOM 484 C "C2'"  . DC B 1 2  ? -8.682  18.712  -4.549  1.00 0.00 ? 2  DC B "C2'"  1 
ATOM 485 C "C1'"  . DC B 1 2  ? -8.100  19.179  -5.879  1.00 0.00 ? 2  DC B "C1'"  1 
ATOM 486 N N1     . DC B 1 2  ? -6.851  18.478  -6.266  1.00 0.00 ? 2  DC B N1     1 
ATOM 487 C C2     . DC B 1 2  ? -6.730  18.034  -7.579  1.00 0.00 ? 2  DC B C2     1 
ATOM 488 O O2     . DC B 1 2  ? -7.639  18.155  -8.386  1.00 0.00 ? 2  DC B O2     1 
ATOM 489 N N3     . DC B 1 2  ? -5.586  17.446  -8.006  1.00 0.00 ? 2  DC B N3     1 
ATOM 490 C C4     . DC B 1 2  ? -4.598  17.289  -7.148  1.00 0.00 ? 2  DC B C4     1 
ATOM 491 N N4     . DC B 1 2  ? -3.497  16.831  -7.669  1.00 0.00 ? 2  DC B N4     1 
ATOM 492 C C5     . DC B 1 2  ? -4.625  17.799  -5.820  1.00 0.00 ? 2  DC B C5     1 
ATOM 493 C C6     . DC B 1 2  ? -5.778  18.381  -5.412  1.00 0.00 ? 2  DC B C6     1 
ATOM 494 H "H5'"  . DC B 1 2  ? -7.839  22.876  -4.391  1.00 0.00 ? 2  DC B "H5'"  1 
ATOM 495 H "H5''" . DC B 1 2  ? -9.206  22.517  -3.321  1.00 0.00 ? 2  DC B "H5''" 1 
ATOM 496 H "H4'"  . DC B 1 2  ? -9.560  21.602  -5.540  1.00 0.00 ? 2  DC B "H4'"  1 
ATOM 497 H "H3'"  . DC B 1 2  ? -9.768  20.009  -3.165  1.00 0.00 ? 2  DC B "H3'"  1 
ATOM 498 H "H2'"  . DC B 1 2  ? -7.935  18.677  -3.758  1.00 0.00 ? 2  DC B "H2'"  1 
ATOM 499 H "H2''" . DC B 1 2  ? -9.180  17.746  -4.626  1.00 0.00 ? 2  DC B "H2''" 1 
ATOM 500 H "H1'"  . DC B 1 2  ? -8.891  19.104  -6.630  1.00 0.00 ? 2  DC B "H1'"  1 
ATOM 501 H H41    . DC B 1 2  ? -3.582  16.601  -8.649  1.00 0.00 ? 2  DC B H41    1 
ATOM 502 H H42    . DC B 1 2  ? -2.631  16.878  -7.167  1.00 0.00 ? 2  DC B H42    1 
ATOM 503 H H5     . DC B 1 2  ? -3.786  17.718  -5.149  1.00 0.00 ? 2  DC B H5     1 
ATOM 504 H H6     . DC B 1 2  ? -5.841  18.787  -4.411  1.00 0.00 ? 2  DC B H6     1 
ATOM 505 P P      . DA B 1 3  ? -11.938 18.590  -4.427  1.00 0.00 ? 3  DA B P      1 
ATOM 506 O OP1    . DA B 1 3  ? -13.287 19.103  -4.748  1.00 0.00 ? 3  DA B OP1    1 
ATOM 507 O OP2    . DA B 1 3  ? -11.609 18.199  -3.041  1.00 0.00 ? 3  DA B OP2    1 
ATOM 508 O "O5'"  . DA B 1 3  ? -11.627 17.335  -5.391  1.00 0.00 ? 3  DA B "O5'"  1 
ATOM 509 C "C5'"  . DA B 1 3  ? -12.137 17.271  -6.715  1.00 0.00 ? 3  DA B "C5'"  1 
ATOM 510 C "C4'"  . DA B 1 3  ? -11.708 15.978  -7.434  1.00 0.00 ? 3  DA B "C4'"  1 
ATOM 511 O "O4'"  . DA B 1 3  ? -10.305 15.996  -7.716  1.00 0.00 ? 3  DA B "O4'"  1 
ATOM 512 C "C3'"  . DA B 1 3  ? -11.993 14.710  -6.597  1.00 0.00 ? 3  DA B "C3'"  1 
ATOM 513 O "O3'"  . DA B 1 3  ? -12.395 13.609  -7.384  1.00 0.00 ? 3  DA B "O3'"  1 
ATOM 514 C "C2'"  . DA B 1 3  ? -10.587 14.350  -6.142  1.00 0.00 ? 3  DA B "C2'"  1 
ATOM 515 C "C1'"  . DA B 1 3  ? -9.822  14.706  -7.415  1.00 0.00 ? 3  DA B "C1'"  1 
ATOM 516 N N9     . DA B 1 3  ? -8.364  14.694  -7.231  1.00 0.00 ? 3  DA B N9     1 
ATOM 517 C C8     . DA B 1 3  ? -7.624  15.060  -6.135  1.00 0.00 ? 3  DA B C8     1 
ATOM 518 N N7     . DA B 1 3  ? -6.342  14.854  -6.262  1.00 0.00 ? 3  DA B N7     1 
ATOM 519 C C5     . DA B 1 3  ? -6.235  14.316  -7.551  1.00 0.00 ? 3  DA B C5     1 
ATOM 520 C C6     . DA B 1 3  ? -5.174  13.848  -8.355  1.00 0.00 ? 3  DA B C6     1 
ATOM 521 N N6     . DA B 1 3  ? -3.922  13.808  -7.957  1.00 0.00 ? 3  DA B N6     1 
ATOM 522 N N1     . DA B 1 3  ? -5.387  13.369  -9.590  1.00 0.00 ? 3  DA B N1     1 
ATOM 523 C C2     . DA B 1 3  ? -6.636  13.347  -10.039 1.00 0.00 ? 3  DA B C2     1 
ATOM 524 N N3     . DA B 1 3  ? -7.729  13.744  -9.397  1.00 0.00 ? 3  DA B N3     1 
ATOM 525 C C4     . DA B 1 3  ? -7.460  14.226  -8.150  1.00 0.00 ? 3  DA B C4     1 
ATOM 526 H "H5'"  . DA B 1 3  ? -11.794 18.131  -7.296  1.00 0.00 ? 3  DA B "H5'"  1 
ATOM 527 H "H5''" . DA B 1 3  ? -13.230 17.286  -6.682  1.00 0.00 ? 3  DA B "H5''" 1 
ATOM 528 H "H4'"  . DA B 1 3  ? -12.246 15.924  -8.381  1.00 0.00 ? 3  DA B "H4'"  1 
ATOM 529 H "H3'"  . DA B 1 3  ? -12.656 14.875  -5.743  1.00 0.00 ? 3  DA B "H3'"  1 
ATOM 530 H "H2'"  . DA B 1 3  ? -10.311 14.998  -5.310  1.00 0.00 ? 3  DA B "H2'"  1 
ATOM 531 H "H2''" . DA B 1 3  ? -10.485 13.303  -5.855  1.00 0.00 ? 3  DA B "H2''" 1 
ATOM 532 H "H1'"  . DA B 1 3  ? -10.094 14.022  -8.223  1.00 0.00 ? 3  DA B "H1'"  1 
ATOM 533 H H8     . DA B 1 3  ? -8.053  15.478  -5.236  1.00 0.00 ? 3  DA B H8     1 
ATOM 534 H H61    . DA B 1 3  ? -3.246  13.449  -8.612  1.00 0.00 ? 3  DA B H61    1 
ATOM 535 H H62    . DA B 1 3  ? -3.674  14.170  -7.054  1.00 0.00 ? 3  DA B H62    1 
ATOM 536 H H2     . DA B 1 3  ? -6.779  12.958  -11.034 1.00 0.00 ? 3  DA B H2     1 
ATOM 537 P P      . DA B 1 4  ? -13.921 13.358  -7.777  1.00 0.00 ? 4  DA B P      1 
ATOM 538 O OP1    . DA B 1 4  ? -14.396 14.503  -8.581  1.00 0.00 ? 4  DA B OP1    1 
ATOM 539 O OP2    . DA B 1 4  ? -14.646 12.955  -6.554  1.00 0.00 ? 4  DA B OP2    1 
ATOM 540 O "O5'"  . DA B 1 4  ? -13.753 12.073  -8.732  1.00 0.00 ? 4  DA B "O5'"  1 
ATOM 541 C "C5'"  . DA B 1 4  ? -13.473 12.195  -10.119 1.00 0.00 ? 4  DA B "C5'"  1 
ATOM 542 C "C4'"  . DA B 1 4  ? -12.476 11.125  -10.599 1.00 0.00 ? 4  DA B "C4'"  1 
ATOM 543 O "O4'"  . DA B 1 4  ? -11.155 11.464  -10.185 1.00 0.00 ? 4  DA B "O4'"  1 
ATOM 544 C "C3'"  . DA B 1 4  ? -12.773 9.698   -10.085 1.00 0.00 ? 4  DA B "C3'"  1 
ATOM 545 O "O3'"  . DA B 1 4  ? -12.763 8.792   -11.174 1.00 0.00 ? 4  DA B "O3'"  1 
ATOM 546 C "C2'"  . DA B 1 4  ? -11.588 9.457   -9.150  1.00 0.00 ? 4  DA B "C2'"  1 
ATOM 547 C "C1'"  . DA B 1 4  ? -10.495 10.268  -9.840  1.00 0.00 ? 4  DA B "C1'"  1 
ATOM 548 N N9     . DA B 1 4  ? -9.364  10.567  -8.941  1.00 0.00 ? 4  DA B N9     1 
ATOM 549 C C8     . DA B 1 4  ? -9.388  11.101  -7.676  1.00 0.00 ? 4  DA B C8     1 
ATOM 550 N N7     . DA B 1 4  ? -8.212  11.212  -7.117  1.00 0.00 ? 4  DA B N7     1 
ATOM 551 C C5     . DA B 1 4  ? -7.345  10.733  -8.106  1.00 0.00 ? 4  DA B C5     1 
ATOM 552 C C6     . DA B 1 4  ? -5.948  10.544  -8.214  1.00 0.00 ? 4  DA B C6     1 
ATOM 553 N N6     . DA B 1 4  ? -5.089  10.805  -7.251  1.00 0.00 ? 4  DA B N6     1 
ATOM 554 N N1     . DA B 1 4  ? -5.394  10.065  -9.335  1.00 0.00 ? 4  DA B N1     1 
ATOM 555 C C2     . DA B 1 4  ? -6.196  9.778   -10.355 1.00 0.00 ? 4  DA B C2     1 
ATOM 556 N N3     . DA B 1 4  ? -7.519  9.886   -10.389 1.00 0.00 ? 4  DA B N3     1 
ATOM 557 C C4     . DA B 1 4  ? -8.039  10.374  -9.230  1.00 0.00 ? 4  DA B C4     1 
ATOM 558 H "H5'"  . DA B 1 4  ? -13.057 13.173  -10.378 1.00 0.00 ? 4  DA B "H5'"  1 
ATOM 559 H "H5''" . DA B 1 4  ? -14.413 12.076  -10.659 1.00 0.00 ? 4  DA B "H5''" 1 
ATOM 560 H "H4'"  . DA B 1 4  ? -12.487 11.132  -11.691 1.00 0.00 ? 4  DA B "H4'"  1 
ATOM 561 H "H3'"  . DA B 1 4  ? -13.726 9.649   -9.554  1.00 0.00 ? 4  DA B "H3'"  1 
ATOM 562 H "H2'"  . DA B 1 4  ? -11.838 9.881   -8.178  1.00 0.00 ? 4  DA B "H2'"  1 
ATOM 563 H "H2''" . DA B 1 4  ? -11.320 8.408   -9.034  1.00 0.00 ? 4  DA B "H2''" 1 
ATOM 564 H "H1'"  . DA B 1 4  ? -10.167 9.753   -10.746 1.00 0.00 ? 4  DA B "H1'"  1 
ATOM 565 H H8     . DA B 1 4  ? -10.303 11.385  -7.178  1.00 0.00 ? 4  DA B H8     1 
ATOM 566 H H61    . DA B 1 4  ? -4.110  10.659  -7.458  1.00 0.00 ? 4  DA B H61    1 
ATOM 567 H H62    . DA B 1 4  ? -5.416  11.144  -6.364  1.00 0.00 ? 4  DA B H62    1 
ATOM 568 H H2     . DA B 1 4  ? -5.725  9.390   -11.243 1.00 0.00 ? 4  DA B H2     1 
ATOM 569 P P      . DC B 1 5  ? -13.069 7.224   -10.982 1.00 0.00 ? 5  DC B P      1 
ATOM 570 O OP1    . DC B 1 5  ? -13.684 6.726   -12.230 1.00 0.00 ? 5  DC B OP1    1 
ATOM 571 O OP2    . DC B 1 5  ? -13.767 7.040   -9.691  1.00 0.00 ? 5  DC B OP2    1 
ATOM 572 O "O5'"  . DC B 1 5  ? -11.592 6.593   -10.858 1.00 0.00 ? 5  DC B "O5'"  1 
ATOM 573 C "C5'"  . DC B 1 5  ? -10.735 6.518   -11.986 1.00 0.00 ? 5  DC B "C5'"  1 
ATOM 574 C "C4'"  . DC B 1 5  ? -9.330  6.013   -11.617 1.00 0.00 ? 5  DC B "C4'"  1 
ATOM 575 O "O4'"  . DC B 1 5  ? -8.668  6.885   -10.711 1.00 0.00 ? 5  DC B "O4'"  1 
ATOM 576 C "C3'"  . DC B 1 5  ? -9.288  4.606   -10.987 1.00 0.00 ? 5  DC B "C3'"  1 
ATOM 577 O "O3'"  . DC B 1 5  ? -8.820  3.665   -11.936 1.00 0.00 ? 5  DC B "O3'"  1 
ATOM 578 C "C2'"  . DC B 1 5  ? -8.306  4.790   -9.825  1.00 0.00 ? 5  DC B "C2'"  1 
ATOM 579 C "C1'"  . DC B 1 5  ? -7.636  6.127   -10.125 1.00 0.00 ? 5  DC B "C1'"  1 
ATOM 580 N N1     . DC B 1 5  ? -7.149  6.762   -8.877  1.00 0.00 ? 5  DC B N1     1 
ATOM 581 C C2     . DC B 1 5  ? -5.787  6.706   -8.591  1.00 0.00 ? 5  DC B C2     1 
ATOM 582 O O2     . DC B 1 5  ? -4.987  6.235   -9.386  1.00 0.00 ? 5  DC B O2     1 
ATOM 583 N N3     . DC B 1 5  ? -5.313  7.167   -7.406  1.00 0.00 ? 5  DC B N3     1 
ATOM 584 C C4     . DC B 1 5  ? -6.170  7.668   -6.538  1.00 0.00 ? 5  DC B C4     1 
ATOM 585 N N4     . DC B 1 5  ? -5.663  8.064   -5.406  1.00 0.00 ? 5  DC B N4     1 
ATOM 586 C C5     . DC B 1 5  ? -7.571  7.767   -6.777  1.00 0.00 ? 5  DC B C5     1 
ATOM 587 C C6     . DC B 1 5  ? -8.022  7.299   -7.964  1.00 0.00 ? 5  DC B C6     1 
ATOM 588 H "H5'"  . DC B 1 5  ? -10.628 7.506   -12.441 1.00 0.00 ? 5  DC B "H5'"  1 
ATOM 589 H "H5''" . DC B 1 5  ? -11.162 5.839   -12.727 1.00 0.00 ? 5  DC B "H5''" 1 
ATOM 590 H "H4'"  . DC B 1 5  ? -8.738  6.005   -12.535 1.00 0.00 ? 5  DC B "H4'"  1 
ATOM 591 H "H3'"  . DC B 1 5  ? -10.275 4.324   -10.612 1.00 0.00 ? 5  DC B "H3'"  1 
ATOM 592 H "H2'"  . DC B 1 5  ? -8.885  4.838   -8.902  1.00 0.00 ? 5  DC B "H2'"  1 
ATOM 593 H "H2''" . DC B 1 5  ? -7.564  4.000   -9.744  1.00 0.00 ? 5  DC B "H2''" 1 
ATOM 594 H "H1'"  . DC B 1 5  ? -6.856  5.991   -10.878 1.00 0.00 ? 5  DC B "H1'"  1 
ATOM 595 H H41    . DC B 1 5  ? -4.665  7.929   -5.336  1.00 0.00 ? 5  DC B H41    1 
ATOM 596 H H42    . DC B 1 5  ? -6.238  8.438   -4.677  1.00 0.00 ? 5  DC B H42    1 
ATOM 597 H H5     . DC B 1 5  ? -8.255  8.195   -6.063  1.00 0.00 ? 5  DC B H5     1 
ATOM 598 H H6     . DC B 1 5  ? -9.082  7.337   -8.191  1.00 0.00 ? 5  DC B H6     1 
ATOM 599 P P      . DT B 1 6  ? -8.694  2.096   -11.593 1.00 0.00 ? 6  DT B P      1 
ATOM 600 O OP1    . DT B 1 6  ? -8.846  1.340   -12.854 1.00 0.00 ? 6  DT B OP1    1 
ATOM 601 O OP2    . DT B 1 6  ? -9.575  1.799   -10.443 1.00 0.00 ? 6  DT B OP2    1 
ATOM 602 O "O5'"  . DT B 1 6  ? -7.163  1.954   -11.106 1.00 0.00 ? 6  DT B "O5'"  1 
ATOM 603 C "C5'"  . DT B 1 6  ? -6.086  2.171   -12.003 1.00 0.00 ? 6  DT B "C5'"  1 
ATOM 604 C "C4'"  . DT B 1 6  ? -4.722  2.061   -11.301 1.00 0.00 ? 6  DT B "C4'"  1 
ATOM 605 O "O4'"  . DT B 1 6  ? -4.568  3.054   -10.295 1.00 0.00 ? 6  DT B "O4'"  1 
ATOM 606 C "C3'"  . DT B 1 6  ? -4.459  0.688   -10.644 1.00 0.00 ? 6  DT B "C3'"  1 
ATOM 607 O "O3'"  . DT B 1 6  ? -3.370  0.057   -11.293 1.00 0.00 ? 6  DT B "O3'"  1 
ATOM 608 C "C2'"  . DT B 1 6  ? -4.124  1.070   -9.202  1.00 0.00 ? 6  DT B "C2'"  1 
ATOM 609 C "C1'"  . DT B 1 6  ? -3.697  2.530   -9.317  1.00 0.00 ? 6  DT B "C1'"  1 
ATOM 610 N N1     . DT B 1 6  ? -3.887  3.239   -8.026  1.00 0.00 ? 6  DT B N1     1 
ATOM 611 C C2     . DT B 1 6  ? -2.753  3.548   -7.280  1.00 0.00 ? 6  DT B C2     1 
ATOM 612 O O2     . DT B 1 6  ? -1.607  3.316   -7.633  1.00 0.00 ? 6  DT B O2     1 
ATOM 613 N N3     . DT B 1 6  ? -2.955  4.141   -6.063  1.00 0.00 ? 6  DT B N3     1 
ATOM 614 C C4     . DT B 1 6  ? -4.173  4.445   -5.513  1.00 0.00 ? 6  DT B C4     1 
ATOM 615 O O4     . DT B 1 6  ? -4.187  4.949   -4.397  1.00 0.00 ? 6  DT B O4     1 
ATOM 616 C C5     . DT B 1 6  ? -5.336  4.094   -6.330  1.00 0.00 ? 6  DT B C5     1 
ATOM 617 C C7     . DT B 1 6  ? -6.764  4.329   -5.830  1.00 0.00 ? 6  DT B C7     1 
ATOM 618 C C6     . DT B 1 6  ? -5.153  3.506   -7.543  1.00 0.00 ? 6  DT B C6     1 
ATOM 619 H "H5'"  . DT B 1 6  ? -6.162  3.169   -12.443 1.00 0.00 ? 6  DT B "H5'"  1 
ATOM 620 H "H5''" . DT B 1 6  ? -6.122  1.432   -12.807 1.00 0.00 ? 6  DT B "H5''" 1 
ATOM 621 H "H4'"  . DT B 1 6  ? -3.953  2.251   -12.052 1.00 0.00 ? 6  DT B "H4'"  1 
ATOM 622 H "H3'"  . DT B 1 6  ? -5.351  0.057   -10.682 1.00 0.00 ? 6  DT B "H3'"  1 
ATOM 623 H "H2'"  . DT B 1 6  ? -5.037  0.979   -8.612  1.00 0.00 ? 6  DT B "H2'"  1 
ATOM 624 H "H2''" . DT B 1 6  ? -3.344  0.459   -8.752  1.00 0.00 ? 6  DT B "H2''" 1 
ATOM 625 H "H1'"  . DT B 1 6  ? -2.677  2.587   -9.706  1.00 0.00 ? 6  DT B "H1'"  1 
ATOM 626 H H3     . DT B 1 6  ? -2.128  4.296   -5.500  1.00 0.00 ? 6  DT B H3     1 
ATOM 627 H H71    . DT B 1 6  ? -7.156  3.403   -5.406  1.00 0.00 ? 6  DT B H71    1 
ATOM 628 H H72    . DT B 1 6  ? -6.782  5.100   -5.057  1.00 0.00 ? 6  DT B H72    1 
ATOM 629 H H73    . DT B 1 6  ? -7.418  4.644   -6.644  1.00 0.00 ? 6  DT B H73    1 
ATOM 630 H H6     . DT B 1 6  ? -6.016  3.230   -8.136  1.00 0.00 ? 6  DT B H6     1 
ATOM 631 P P      . DG B 1 7  ? -2.864  -1.417  -10.887 1.00 0.00 ? 7  DG B P      1 
ATOM 632 O OP1    . DG B 1 7  ? -2.280  -2.047  -12.091 1.00 0.00 ? 7  DG B OP1    1 
ATOM 633 O OP2    . DG B 1 7  ? -3.947  -2.099  -10.148 1.00 0.00 ? 7  DG B OP2    1 
ATOM 634 O "O5'"  . DG B 1 7  ? -1.666  -1.105  -9.858  1.00 0.00 ? 7  DG B "O5'"  1 
ATOM 635 C "C5'"  . DG B 1 7  ? -0.492  -0.436  -10.291 1.00 0.00 ? 7  DG B "C5'"  1 
ATOM 636 C "C4'"  . DG B 1 7  ? 0.483   -0.185  -9.129  1.00 0.00 ? 7  DG B "C4'"  1 
ATOM 637 O "O4'"  . DG B 1 7  ? -0.095  0.675   -8.151  1.00 0.00 ? 7  DG B "O4'"  1 
ATOM 638 C "C3'"  . DG B 1 7  ? 0.940   -1.472  -8.407  1.00 0.00 ? 7  DG B "C3'"  1 
ATOM 639 O "O3'"  . DG B 1 7  ? 2.354   -1.494  -8.326  1.00 0.00 ? 7  DG B "O3'"  1 
ATOM 640 C "C2'"  . DG B 1 7  ? 0.332   -1.278  -7.023  1.00 0.00 ? 7  DG B "C2'"  1 
ATOM 641 C "C1'"  . DG B 1 7  ? 0.380   0.240   -6.898  1.00 0.00 ? 7  DG B "C1'"  1 
ATOM 642 N N9     . DG B 1 7  ? -0.476  0.697   -5.790  1.00 0.00 ? 7  DG B N9     1 
ATOM 643 C C8     . DG B 1 7  ? -1.843  0.660   -5.680  1.00 0.00 ? 7  DG B C8     1 
ATOM 644 N N7     . DG B 1 7  ? -2.291  0.952   -4.488  1.00 0.00 ? 7  DG B N7     1 
ATOM 645 C C5     . DG B 1 7  ? -1.128  1.222   -3.757  1.00 0.00 ? 7  DG B C5     1 
ATOM 646 C C6     . DG B 1 7  ? -0.901  1.543   -2.374  1.00 0.00 ? 7  DG B C6     1 
ATOM 647 O O6     . DG B 1 7  ? -1.707  1.615   -1.453  1.00 0.00 ? 7  DG B O6     1 
ATOM 648 N N1     . DG B 1 7  ? 0.423   1.770   -2.055  1.00 0.00 ? 7  DG B N1     1 
ATOM 649 C C2     . DG B 1 7  ? 1.436   1.630   -2.939  1.00 0.00 ? 7  DG B C2     1 
ATOM 650 N N2     . DG B 1 7  ? 2.643   1.808   -2.484  1.00 0.00 ? 7  DG B N2     1 
ATOM 651 N N3     . DG B 1 7  ? 1.280   1.267   -4.206  1.00 0.00 ? 7  DG B N3     1 
ATOM 652 C C4     . DG B 1 7  ? -0.023  1.091   -4.562  1.00 0.00 ? 7  DG B C4     1 
ATOM 653 H "H5'"  . DG B 1 7  ? -0.751  0.529   -10.732 1.00 0.00 ? 7  DG B "H5'"  1 
ATOM 654 H "H5''" . DG B 1 7  ? 0.019   -1.038  -11.045 1.00 0.00 ? 7  DG B "H5''" 1 
ATOM 655 H "H4'"  . DG B 1 7  ? 1.356   0.326   -9.544  1.00 0.00 ? 7  DG B "H4'"  1 
ATOM 656 H "H3'"  . DG B 1 7  ? 0.558   -2.370  -8.900  1.00 0.00 ? 7  DG B "H3'"  1 
ATOM 657 H "H2'"  . DG B 1 7  ? -0.702  -1.629  -7.046  1.00 0.00 ? 7  DG B "H2'"  1 
ATOM 658 H "H2''" . DG B 1 7  ? 0.876   -1.783  -6.228  1.00 0.00 ? 7  DG B "H2''" 1 
ATOM 659 H "H1'"  . DG B 1 7  ? 1.411   0.578   -6.769  1.00 0.00 ? 7  DG B "H1'"  1 
ATOM 660 H H8     . DG B 1 7  ? -2.492  0.378   -6.496  1.00 0.00 ? 7  DG B H8     1 
ATOM 661 H H1     . DG B 1 7  ? 0.628   1.948   -1.079  1.00 0.00 ? 7  DG B H1     1 
ATOM 662 H H21    . DG B 1 7  ? 2.801   2.130   -1.540  1.00 0.00 ? 7  DG B H21    1 
ATOM 663 H H22    . DG B 1 7  ? 3.378   1.648   -3.152  1.00 0.00 ? 7  DG B H22    1 
ATOM 664 P P      . DC B 1 8  ? 3.160   -2.741  -7.702  1.00 0.00 ? 8  DC B P      1 
ATOM 665 O OP1    . DC B 1 8  ? 4.297   -3.036  -8.599  1.00 0.00 ? 8  DC B OP1    1 
ATOM 666 O OP2    . DC B 1 8  ? 2.191   -3.806  -7.368  1.00 0.00 ? 8  DC B OP2    1 
ATOM 667 O "O5'"  . DC B 1 8  ? 3.750   -2.151  -6.321  1.00 0.00 ? 8  DC B "O5'"  1 
ATOM 668 C "C5'"  . DC B 1 8  ? 4.707   -1.103  -6.319  1.00 0.00 ? 8  DC B "C5'"  1 
ATOM 669 C "C4'"  . DC B 1 8  ? 5.295   -0.843  -4.919  1.00 0.00 ? 8  DC B "C4'"  1 
ATOM 670 O "O4'"  . DC B 1 8  ? 4.289   -0.386  -4.019  1.00 0.00 ? 8  DC B "O4'"  1 
ATOM 671 C "C3'"  . DC B 1 8  ? 5.957   -2.089  -4.297  1.00 0.00 ? 8  DC B "C3'"  1 
ATOM 672 O "O3'"  . DC B 1 8  ? 7.142   -1.695  -3.627  1.00 0.00 ? 8  DC B "O3'"  1 
ATOM 673 C "C2'"  . DC B 1 8  ? 4.891   -2.528  -3.302  1.00 0.00 ? 8  DC B "C2'"  1 
ATOM 674 C "C1'"  . DC B 1 8  ? 4.344   -1.180  -2.850  1.00 0.00 ? 8  DC B "C1'"  1 
ATOM 675 N N1     . DC B 1 8  ? 2.987   -1.324  -2.272  1.00 0.00 ? 8  DC B N1     1 
ATOM 676 C C2     . DC B 1 8  ? 2.820   -1.134  -0.903  1.00 0.00 ? 8  DC B C2     1 
ATOM 677 O O2     . DC B 1 8  ? 3.763   -0.867  -0.169  1.00 0.00 ? 8  DC B O2     1 
ATOM 678 N N3     . DC B 1 8  ? 1.588   -1.236  -0.343  1.00 0.00 ? 8  DC B N3     1 
ATOM 679 C C4     . DC B 1 8  ? 0.557   -1.493  -1.122  1.00 0.00 ? 8  DC B C4     1 
ATOM 680 N N4     . DC B 1 8  ? -0.591  -1.586  -0.513  1.00 0.00 ? 8  DC B N4     1 
ATOM 681 C C5     . DC B 1 8  ? 0.661   -1.701  -2.527  1.00 0.00 ? 8  DC B C5     1 
ATOM 682 C C6     . DC B 1 8  ? 1.902   -1.615  -3.064  1.00 0.00 ? 8  DC B C6     1 
ATOM 683 H "H5'"  . DC B 1 8  ? 4.244   -0.185  -6.684  1.00 0.00 ? 8  DC B "H5'"  1 
ATOM 684 H "H5''" . DC B 1 8  ? 5.539   -1.356  -6.980  1.00 0.00 ? 8  DC B "H5''" 1 
ATOM 685 H "H4'"  . DC B 1 8  ? 6.039   -0.051  -5.027  1.00 0.00 ? 8  DC B "H4'"  1 
ATOM 686 H "H3'"  . DC B 1 8  ? 6.166   -2.855  -5.049  1.00 0.00 ? 8  DC B "H3'"  1 
ATOM 687 H "H2'"  . DC B 1 8  ? 4.134   -3.104  -3.836  1.00 0.00 ? 8  DC B "H2'"  1 
ATOM 688 H "H2''" . DC B 1 8  ? 5.285   -3.118  -2.475  1.00 0.00 ? 8  DC B "H2''" 1 
ATOM 689 H "H1'"  . DC B 1 8  ? 5.063   -0.710  -2.175  1.00 0.00 ? 8  DC B "H1'"  1 
ATOM 690 H H41    . DC B 1 8  ? -0.518  -1.553  0.493   1.00 0.00 ? 8  DC B H41    1 
ATOM 691 H H42    . DC B 1 8  ? -1.426  -1.812  -1.017  1.00 0.00 ? 8  DC B H42    1 
ATOM 692 H H5     . DC B 1 8  ? -0.188  -1.925  -3.153  1.00 0.00 ? 8  DC B H5     1 
ATOM 693 H H6     . DC B 1 8  ? 2.042   -1.757  -4.130  1.00 0.00 ? 8  DC B H6     1 
ATOM 694 P P      . DA B 1 9  ? 8.137   -2.756  -2.942  1.00 0.00 ? 9  DA B P      1 
ATOM 695 O OP1    . DA B 1 9  ? 9.517   -2.407  -3.342  1.00 0.00 ? 9  DA B OP1    1 
ATOM 696 O OP2    . DA B 1 9  ? 7.621   -4.120  -3.190  1.00 0.00 ? 9  DA B OP2    1 
ATOM 697 O "O5'"  . DA B 1 9  ? 7.973   -2.434  -1.372  1.00 0.00 ? 9  DA B "O5'"  1 
ATOM 698 C "C5'"  . DA B 1 9  ? 8.388   -1.187  -0.836  1.00 0.00 ? 9  DA B "C5'"  1 
ATOM 699 C "C4'"  . DA B 1 9  ? 8.257   -1.140  0.697   1.00 0.00 ? 9  DA B "C4'"  1 
ATOM 700 O "O4'"  . DA B 1 9  ? 6.891   -1.256  1.087   1.00 0.00 ? 9  DA B "O4'"  1 
ATOM 701 C "C3'"  . DA B 1 9  ? 9.054   -2.253  1.405   1.00 0.00 ? 9  DA B "C3'"  1 
ATOM 702 O "O3'"  . DA B 1 9  ? 9.715   -1.713  2.534   1.00 0.00 ? 9  DA B "O3'"  1 
ATOM 703 C "C2'"  . DA B 1 9  ? 7.940   -3.206  1.820   1.00 0.00 ? 9  DA B "C2'"  1 
ATOM 704 C "C1'"  . DA B 1 9  ? 6.798   -2.234  2.100   1.00 0.00 ? 9  DA B "C1'"  1 
ATOM 705 N N9     . DA B 1 9  ? 5.497   -2.916  1.998   1.00 0.00 ? 9  DA B N9     1 
ATOM 706 C C8     . DA B 1 9  ? 4.931   -3.507  0.895   1.00 0.00 ? 9  DA B C8     1 
ATOM 707 N N7     . DA B 1 9  ? 3.791   -4.099  1.129   1.00 0.00 ? 9  DA B N7     1 
ATOM 708 C C5     . DA B 1 9  ? 3.591   -3.867  2.496   1.00 0.00 ? 9  DA B C5     1 
ATOM 709 C C6     . DA B 1 9  ? 2.595   -4.215  3.436   1.00 0.00 ? 9  DA B C6     1 
ATOM 710 N N6     . DA B 1 9  ? 1.522   -4.920  3.143   1.00 0.00 ? 9  DA B N6     1 
ATOM 711 N N1     . DA B 1 9  ? 2.659   -3.802  4.709   1.00 0.00 ? 9  DA B N1     1 
ATOM 712 C C2     . DA B 1 9  ? 3.707   -3.070  5.069   1.00 0.00 ? 9  DA B C2     1 
ATOM 713 N N3     . DA B 1 9  ? 4.729   -2.692  4.308   1.00 0.00 ? 9  DA B N3     1 
ATOM 714 C C4     . DA B 1 9  ? 4.613   -3.127  3.023   1.00 0.00 ? 9  DA B C4     1 
ATOM 715 H "H5'"  . DA B 1 9  ? 7.786   -0.382  -1.263  1.00 0.00 ? 9  DA B "H5'"  1 
ATOM 716 H "H5''" . DA B 1 9  ? 9.436   -1.003  -1.085  1.00 0.00 ? 9  DA B "H5''" 1 
ATOM 717 H "H4'"  . DA B 1 9  ? 8.621   -0.164  1.025   1.00 0.00 ? 9  DA B "H4'"  1 
ATOM 718 H "H3'"  . DA B 1 9  ? 9.770   -2.728  0.727   1.00 0.00 ? 9  DA B "H3'"  1 
ATOM 719 H "H2'"  . DA B 1 9  ? 7.710   -3.847  0.967   1.00 0.00 ? 9  DA B "H2'"  1 
ATOM 720 H "H2''" . DA B 1 9  ? 8.190   -3.820  2.683   1.00 0.00 ? 9  DA B "H2''" 1 
ATOM 721 H "H1'"  . DA B 1 9  ? 6.941   -1.759  3.073   1.00 0.00 ? 9  DA B "H1'"  1 
ATOM 722 H H8     . DA B 1 9  ? 5.396   -3.494  -0.081  1.00 0.00 ? 9  DA B H8     1 
ATOM 723 H H61    . DA B 1 9  ? 0.899   -5.148  3.901   1.00 0.00 ? 9  DA B H61    1 
ATOM 724 H H62    . DA B 1 9  ? 1.386   -5.240  2.200   1.00 0.00 ? 9  DA B H62    1 
ATOM 725 H H2     . DA B 1 9  ? 3.738   -2.754  6.100   1.00 0.00 ? 9  DA B H2     1 
ATOM 726 P P      . DG B 1 10 ? 10.694  -2.594  3.459   1.00 0.00 ? 10 DG B P      1 
ATOM 727 O OP1    . DG B 1 10 ? 11.848  -1.748  3.835   1.00 0.00 ? 10 DG B OP1    1 
ATOM 728 O OP2    . DG B 1 10 ? 10.922  -3.899  2.801   1.00 0.00 ? 10 DG B OP2    1 
ATOM 729 O "O5'"  . DG B 1 10 ? 9.805   -2.842  4.777   1.00 0.00 ? 10 DG B "O5'"  1 
ATOM 730 C "C5'"  . DG B 1 10 ? 9.464   -1.765  5.636   1.00 0.00 ? 10 DG B "C5'"  1 
ATOM 731 C "C4'"  . DG B 1 10 ? 8.638   -2.229  6.846   1.00 0.00 ? 10 DG B "C4'"  1 
ATOM 732 O "O4'"  . DG B 1 10 ? 7.386   -2.763  6.428   1.00 0.00 ? 10 DG B "O4'"  1 
ATOM 733 C "C3'"  . DG B 1 10 ? 9.346   -3.303  7.700   1.00 0.00 ? 10 DG B "C3'"  1 
ATOM 734 O "O3'"  . DG B 1 10 ? 9.227   -2.955  9.068   1.00 0.00 ? 10 DG B "O3'"  1 
ATOM 735 C "C2'"  . DG B 1 10 ? 8.511   -4.539  7.383   1.00 0.00 ? 10 DG B "C2'"  1 
ATOM 736 C "C1'"  . DG B 1 10 ? 7.135   -3.912  7.208   1.00 0.00 ? 10 DG B "C1'"  1 
ATOM 737 N N9     . DG B 1 10 ? 6.215   -4.826  6.509   1.00 0.00 ? 10 DG B N9     1 
ATOM 738 C C8     . DG B 1 10 ? 6.251   -5.256  5.208   1.00 0.00 ? 10 DG B C8     1 
ATOM 739 N N7     . DG B 1 10 ? 5.279   -6.070  4.888   1.00 0.00 ? 10 DG B N7     1 
ATOM 740 C C5     . DG B 1 10 ? 4.547   -6.191  6.076   1.00 0.00 ? 10 DG B C5     1 
ATOM 741 C C6     . DG B 1 10 ? 3.360   -6.930  6.414   1.00 0.00 ? 10 DG B C6     1 
ATOM 742 O O6     . DG B 1 10 ? 2.681   -7.655  5.701   1.00 0.00 ? 10 DG B O6     1 
ATOM 743 N N1     . DG B 1 10 ? 2.957   -6.789  7.730   1.00 0.00 ? 10 DG B N1     1 
ATOM 744 C C2     . DG B 1 10 ? 3.606   -6.000  8.622   1.00 0.00 ? 10 DG B C2     1 
ATOM 745 N N2     . DG B 1 10 ? 3.146   -5.960  9.839   1.00 0.00 ? 10 DG B N2     1 
ATOM 746 N N3     . DG B 1 10 ? 4.707   -5.312  8.355   1.00 0.00 ? 10 DG B N3     1 
ATOM 747 C C4     . DG B 1 10 ? 5.125   -5.436  7.067   1.00 0.00 ? 10 DG B C4     1 
ATOM 748 H "H5'"  . DG B 1 10 ? 8.885   -1.018  5.088   1.00 0.00 ? 10 DG B "H5'"  1 
ATOM 749 H "H5''" . DG B 1 10 ? 10.374  -1.289  6.012   1.00 0.00 ? 10 DG B "H5''" 1 
ATOM 750 H "H4'"  . DG B 1 10 ? 8.439   -1.347  7.460   1.00 0.00 ? 10 DG B "H4'"  1 
ATOM 751 H "H3'"  . DG B 1 10 ? 10.394  -3.428  7.415   1.00 0.00 ? 10 DG B "H3'"  1 
ATOM 752 H "H2'"  . DG B 1 10 ? 8.865   -4.967  6.443   1.00 0.00 ? 10 DG B "H2'"  1 
ATOM 753 H "H2''" . DG B 1 10 ? 8.528   -5.291  8.167   1.00 0.00 ? 10 DG B "H2''" 1 
ATOM 754 H "H1'"  . DG B 1 10 ? 6.736   -3.605  8.177   1.00 0.00 ? 10 DG B "H1'"  1 
ATOM 755 H H8     . DG B 1 10 ? 7.010   -4.946  4.505   1.00 0.00 ? 10 DG B H8     1 
ATOM 756 H H1     . DG B 1 10 ? 2.121   -7.296  7.999   1.00 0.00 ? 10 DG B H1     1 
ATOM 757 H H21    . DG B 1 10 ? 2.302   -6.451  10.094  1.00 0.00 ? 10 DG B H21    1 
ATOM 758 H H22    . DG B 1 10 ? 3.677   -5.390  10.474  1.00 0.00 ? 10 DG B H22    1 
ATOM 759 P P      . DT B 1 11 ? 9.889   -3.831  10.242  1.00 0.00 ? 11 DT B P      1 
ATOM 760 O OP1    . DT B 1 11 ? 10.556  -2.904  11.181  1.00 0.00 ? 11 DT B OP1    1 
ATOM 761 O OP2    . DT B 1 11 ? 10.655  -4.941  9.634   1.00 0.00 ? 11 DT B OP2    1 
ATOM 762 O "O5'"  . DT B 1 11 ? 8.607   -4.464  10.984  1.00 0.00 ? 11 DT B "O5'"  1 
ATOM 763 C "C5'"  . DT B 1 11 ? 7.652   -3.647  11.646  1.00 0.00 ? 11 DT B "C5'"  1 
ATOM 764 C "C4'"  . DT B 1 11 ? 6.644   -4.478  12.465  1.00 0.00 ? 11 DT B "C4'"  1 
ATOM 765 O "O4'"  . DT B 1 11 ? 5.866   -5.309  11.606  1.00 0.00 ? 11 DT B "O4'"  1 
ATOM 766 C "C3'"  . DT B 1 11 ? 7.338   -5.381  13.502  1.00 0.00 ? 11 DT B "C3'"  1 
ATOM 767 O "O3'"  . DT B 1 11 ? 6.523   -5.520  14.656  1.00 0.00 ? 11 DT B "O3'"  1 
ATOM 768 C "C2'"  . DT B 1 11 ? 7.353   -6.708  12.753  1.00 0.00 ? 11 DT B "C2'"  1 
ATOM 769 C "C1'"  . DT B 1 11 ? 5.998   -6.644  12.050  1.00 0.00 ? 11 DT B "C1'"  1 
ATOM 770 N N1     . DT B 1 11 ? 5.896   -7.556  10.882  1.00 0.00 ? 11 DT B N1     1 
ATOM 771 C C2     . DT B 1 11 ? 4.822   -8.444  10.853  1.00 0.00 ? 11 DT B C2     1 
ATOM 772 O O2     . DT B 1 11 ? 4.047   -8.627  11.779  1.00 0.00 ? 11 DT B O2     1 
ATOM 773 N N3     . DT B 1 11 ? 4.652   -9.171  9.708   1.00 0.00 ? 11 DT B N3     1 
ATOM 774 C C4     . DT B 1 11 ? 5.443   -9.115  8.593   1.00 0.00 ? 11 DT B C4     1 
ATOM 775 O O4     . DT B 1 11 ? 5.119   -9.800  7.631   1.00 0.00 ? 11 DT B O4     1 
ATOM 776 C C5     . DT B 1 11 ? 6.597   -8.220  8.692   1.00 0.00 ? 11 DT B C5     1 
ATOM 777 C C7     . DT B 1 11 ? 7.625   -8.141  7.562   1.00 0.00 ? 11 DT B C7     1 
ATOM 778 C C6     . DT B 1 11 ? 6.771   -7.466  9.814   1.00 0.00 ? 11 DT B C6     1 
ATOM 779 H "H5'"  . DT B 1 11 ? 7.106   -3.053  10.909  1.00 0.00 ? 11 DT B "H5'"  1 
ATOM 780 H "H5''" . DT B 1 11 ? 8.156   -2.965  12.334  1.00 0.00 ? 11 DT B "H5''" 1 
ATOM 781 H "H4'"  . DT B 1 11 ? 5.979   -3.780  12.977  1.00 0.00 ? 11 DT B "H4'"  1 
ATOM 782 H "H3'"  . DT B 1 11 ? 8.344   -5.021  13.737  1.00 0.00 ? 11 DT B "H3'"  1 
ATOM 783 H "H2'"  . DT B 1 11 ? 8.185   -6.716  12.052  1.00 0.00 ? 11 DT B "H2'"  1 
ATOM 784 H "H2''" . DT B 1 11 ? 7.433   -7.557  13.423  1.00 0.00 ? 11 DT B "H2''" 1 
ATOM 785 H "H1'"  . DT B 1 11 ? 5.221   -6.813  12.799  1.00 0.00 ? 11 DT B "H1'"  1 
ATOM 786 H H3     . DT B 1 11 ? 3.849   -9.788  9.682   1.00 0.00 ? 11 DT B H3     1 
ATOM 787 H H71    . DT B 1 11 ? 8.574   -7.721  7.904   1.00 0.00 ? 11 DT B H71    1 
ATOM 788 H H72    . DT B 1 11 ? 7.823   -9.140  7.169   1.00 0.00 ? 11 DT B H72    1 
ATOM 789 H H73    . DT B 1 11 ? 7.241   -7.524  6.750   1.00 0.00 ? 11 DT B H73    1 
ATOM 790 H H6     . DT B 1 11 ? 7.597   -6.765  9.861   1.00 0.00 ? 11 DT B H6     1 
ATOM 791 P P      . DT B 1 12 ? 7.154   -5.843  16.102  1.00 0.00 ? 12 DT B P      1 
ATOM 792 O OP1    . DT B 1 12 ? 6.048   -6.069  17.055  1.00 0.00 ? 12 DT B OP1    1 
ATOM 793 O OP2    . DT B 1 12 ? 8.160   -4.799  16.393  1.00 0.00 ? 12 DT B OP2    1 
ATOM 794 O "O5'"  . DT B 1 12 ? 7.948   -7.228  15.899  1.00 0.00 ? 12 DT B "O5'"  1 
ATOM 795 C "C5'"  . DT B 1 12 ? 7.697   -8.397  16.666  1.00 0.00 ? 12 DT B "C5'"  1 
ATOM 796 C "C4'"  . DT B 1 12 ? 6.460   -9.225  16.236  1.00 0.00 ? 12 DT B "C4'"  1 
ATOM 797 O "O4'"  . DT B 1 12 ? 6.350   -9.270  14.822  1.00 0.00 ? 12 DT B "O4'"  1 
ATOM 798 C "C3'"  . DT B 1 12 ? 6.598   -10.704 16.658  1.00 0.00 ? 12 DT B "C3'"  1 
ATOM 799 O "O3'"  . DT B 1 12 ? 5.976   -11.085 17.874  1.00 0.00 ? 12 DT B "O3'"  1 
ATOM 800 C "C2'"  . DT B 1 12 ? 6.215   -11.512 15.414  1.00 0.00 ? 12 DT B "C2'"  1 
ATOM 801 C "C1'"  . DT B 1 12 ? 5.704   -10.464 14.430  1.00 0.00 ? 12 DT B "C1'"  1 
ATOM 802 N N1     . DT B 1 12 ? 6.103   -10.818 13.039  1.00 0.00 ? 12 DT B N1     1 
ATOM 803 C C2     . DT B 1 12 ? 5.248   -11.646 12.311  1.00 0.00 ? 12 DT B C2     1 
ATOM 804 O O2     . DT B 1 12 ? 4.205   -12.113 12.745  1.00 0.00 ? 12 DT B O2     1 
ATOM 805 N N3     . DT B 1 12 ? 5.627   -11.950 11.028  1.00 0.00 ? 12 DT B N3     1 
ATOM 806 C C4     . DT B 1 12 ? 6.796   -11.559 10.426  1.00 0.00 ? 12 DT B C4     1 
ATOM 807 O O4     . DT B 1 12 ? 7.002   -11.908 9.272   1.00 0.00 ? 12 DT B O4     1 
ATOM 808 C C5     . DT B 1 12 ? 7.678   -10.727 11.242  1.00 0.00 ? 12 DT B C5     1 
ATOM 809 C C7     . DT B 1 12 ? 9.012   -10.205 10.707  1.00 0.00 ? 12 DT B C7     1 
ATOM 810 C C6     . DT B 1 12 ? 7.309   -10.398 12.506  1.00 0.00 ? 12 DT B C6     1 
ATOM 811 H "H5'"  . DT B 1 12 ? 7.643   -8.171  17.733  1.00 0.00 ? 12 DT B "H5'"  1 
ATOM 812 H "H5''" . DT B 1 12 ? 8.589   -9.002  16.505  1.00 0.00 ? 12 DT B "H5''" 1 
ATOM 813 H "H4'"  . DT B 1 12 ? 5.551   -8.778  16.642  1.00 0.00 ? 12 DT B "H4'"  1 
ATOM 814 H "H3'"  . DT B 1 12 ? 7.653   -10.918 16.836  1.00 0.00 ? 12 DT B "H3'"  1 
ATOM 815 H "H2'"  . DT B 1 12 ? 7.116   -11.988 15.023  1.00 0.00 ? 12 DT B "H2'"  1 
ATOM 816 H "H2''" . DT B 1 12 ? 5.447   -12.261 15.584  1.00 0.00 ? 12 DT B "H2''" 1 
ATOM 817 H "H1'"  . DT B 1 12 ? 4.627   -10.321 14.536  1.00 0.00 ? 12 DT B "H1'"  1 
ATOM 818 H H3     . DT B 1 12 ? 5.011   -12.552 10.495  1.00 0.00 ? 12 DT B H3     1 
ATOM 819 H H71    . DT B 1 12 ? 9.836   -10.741 11.181  1.00 0.00 ? 12 DT B H71    1 
ATOM 820 H H72    . DT B 1 12 ? 9.083   -10.342 9.626   1.00 0.00 ? 12 DT B H72    1 
ATOM 821 H H73    . DT B 1 12 ? 9.118   -9.138  10.917  1.00 0.00 ? 12 DT B H73    1 
ATOM 822 H H6     . DT B 1 12 ? 7.985   -9.798  13.101  1.00 0.00 ? 12 DT B H6     1 
ATOM 823 P P      . DG B 1 13 ? 4.392   -11.299 18.048  1.00 0.00 ? 13 DG B P      1 
ATOM 824 O OP1    . DG B 1 13 ? 3.686   -10.421 17.095  1.00 0.00 ? 13 DG B OP1    1 
ATOM 825 O OP2    . DG B 1 13 ? 4.075   -11.234 19.491  1.00 0.00 ? 13 DG B OP2    1 
ATOM 826 O "O5'"  . DG B 1 13 ? 4.170   -12.822 17.575  1.00 0.00 ? 13 DG B "O5'"  1 
ATOM 827 C "C5'"  . DG B 1 13 ? 2.863   -13.355 17.448  1.00 0.00 ? 13 DG B "C5'"  1 
ATOM 828 C "C4'"  . DG B 1 13 ? 2.873   -14.735 16.771  1.00 0.00 ? 13 DG B "C4'"  1 
ATOM 829 O "O4'"  . DG B 1 13 ? 3.329   -14.634 15.424  1.00 0.00 ? 13 DG B "O4'"  1 
ATOM 830 C "C3'"  . DG B 1 13 ? 3.748   -15.786 17.489  1.00 0.00 ? 13 DG B "C3'"  1 
ATOM 831 O "O3'"  . DG B 1 13 ? 2.966   -16.943 17.727  1.00 0.00 ? 13 DG B "O3'"  1 
ATOM 832 C "C2'"  . DG B 1 13 ? 4.845   -16.024 16.452  1.00 0.00 ? 13 DG B "C2'"  1 
ATOM 833 C "C1'"  . DG B 1 13 ? 4.106   -15.774 15.142  1.00 0.00 ? 13 DG B "C1'"  1 
ATOM 834 N N9     . DG B 1 13 ? 5.018   -15.494 14.011  1.00 0.00 ? 13 DG B N9     1 
ATOM 835 C C8     . DG B 1 13 ? 6.116   -14.675 13.970  1.00 0.00 ? 13 DG B C8     1 
ATOM 836 N N7     . DG B 1 13 ? 6.709   -14.615 12.809  1.00 0.00 ? 13 DG B N7     1 
ATOM 837 C C5     . DG B 1 13 ? 5.939   -15.463 12.008  1.00 0.00 ? 13 DG B C5     1 
ATOM 838 C C6     . DG B 1 13 ? 6.071   -15.879 10.638  1.00 0.00 ? 13 DG B C6     1 
ATOM 839 O O6     . DG B 1 13 ? 6.890   -15.523 9.800   1.00 0.00 ? 13 DG B O6     1 
ATOM 840 N N1     . DG B 1 13 ? 5.144   -16.824 10.244  1.00 0.00 ? 13 DG B N1     1 
ATOM 841 C C2     . DG B 1 13 ? 4.158   -17.282 11.053  1.00 0.00 ? 13 DG B C2     1 
ATOM 842 N N2     . DG B 1 13 ? 3.380   -18.216 10.586  1.00 0.00 ? 13 DG B N2     1 
ATOM 843 N N3     . DG B 1 13 ? 4.002   -16.926 12.321  1.00 0.00 ? 13 DG B N3     1 
ATOM 844 C C4     . DG B 1 13 ? 4.913   -16.010 12.746  1.00 0.00 ? 13 DG B C4     1 
ATOM 845 H "H5'"  . DG B 1 13 ? 2.239   -12.693 16.845  1.00 0.00 ? 13 DG B "H5'"  1 
ATOM 846 H "H5''" . DG B 1 13 ? 2.413   -13.450 18.439  1.00 0.00 ? 13 DG B "H5''" 1 
ATOM 847 H "H4'"  . DG B 1 13 ? 1.838   -15.084 16.738  1.00 0.00 ? 13 DG B "H4'"  1 
ATOM 848 H "H3'"  . DG B 1 13 ? 4.159   -15.408 18.428  1.00 0.00 ? 13 DG B "H3'"  1 
ATOM 849 H "H2'"  . DG B 1 13 ? 5.616   -15.272 16.619  1.00 0.00 ? 13 DG B "H2'"  1 
ATOM 850 H "H2''" . DG B 1 13 ? 5.284   -17.016 16.498  1.00 0.00 ? 13 DG B "H2''" 1 
ATOM 851 H "H1'"  . DG B 1 13 ? 3.449   -16.621 14.927  1.00 0.00 ? 13 DG B "H1'"  1 
ATOM 852 H H8     . DG B 1 13 ? 6.485   -14.146 14.832  1.00 0.00 ? 13 DG B H8     1 
ATOM 853 H H1     . DG B 1 13 ? 5.232   -17.160 9.291   1.00 0.00 ? 13 DG B H1     1 
ATOM 854 H H21    . DG B 1 13 ? 3.511   -18.573 9.653   1.00 0.00 ? 13 DG B H21    1 
ATOM 855 H H22    . DG B 1 13 ? 2.660   -18.528 11.208  1.00 0.00 ? 13 DG B H22    1 
ATOM 856 P P      . DT B 1 14 ? 3.571   -18.307 18.330  1.00 0.00 ? 14 DT B P      1 
ATOM 857 O OP1    . DT B 1 14 ? 2.579   -18.891 19.258  1.00 0.00 ? 14 DT B OP1    1 
ATOM 858 O OP2    . DT B 1 14 ? 4.961   -18.073 18.778  1.00 0.00 ? 14 DT B OP2    1 
ATOM 859 O "O5'"  . DT B 1 14 ? 3.613   -19.227 17.010  1.00 0.00 ? 14 DT B "O5'"  1 
ATOM 860 C "C5'"  . DT B 1 14 ? 2.412   -19.562 16.331  1.00 0.00 ? 14 DT B "C5'"  1 
ATOM 861 C "C4'"  . DT B 1 14 ? 2.686   -20.420 15.088  1.00 0.00 ? 14 DT B "C4'"  1 
ATOM 862 O "O4'"  . DT B 1 14 ? 3.476   -19.694 14.153  1.00 0.00 ? 14 DT B "O4'"  1 
ATOM 863 C "C3'"  . DT B 1 14 ? 3.435   -21.722 15.421  1.00 0.00 ? 14 DT B "C3'"  1 
ATOM 864 O "O3'"  . DT B 1 14 ? 2.874   -22.825 14.740  1.00 0.00 ? 14 DT B "O3'"  1 
ATOM 865 C "C2'"  . DT B 1 14 ? 4.823   -21.467 14.852  1.00 0.00 ? 14 DT B "C2'"  1 
ATOM 866 C "C1'"  . DT B 1 14 ? 4.504   -20.534 13.684  1.00 0.00 ? 14 DT B "C1'"  1 
ATOM 867 N N1     . DT B 1 14 ? 5.674   -19.721 13.268  1.00 0.00 ? 14 DT B N1     1 
ATOM 868 C C2     . DT B 1 14 ? 6.096   -19.834 11.946  1.00 0.00 ? 14 DT B C2     1 
ATOM 869 O O2     . DT B 1 14 ? 5.600   -20.592 11.125  1.00 0.00 ? 14 DT B O2     1 
ATOM 870 N N3     . DT B 1 14 ? 7.154   -19.057 11.570  1.00 0.00 ? 14 DT B N3     1 
ATOM 871 C C4     . DT B 1 14 ? 7.852   -18.199 12.375  1.00 0.00 ? 14 DT B C4     1 
ATOM 872 O O4     . DT B 1 14 ? 8.782   -17.580 11.873  1.00 0.00 ? 14 DT B O4     1 
ATOM 873 C C5     . DT B 1 14 ? 7.387   -18.127 13.761  1.00 0.00 ? 14 DT B C5     1 
ATOM 874 C C7     . DT B 1 14 ? 8.114   -17.257 14.789  1.00 0.00 ? 14 DT B C7     1 
ATOM 875 C C6     . DT B 1 14 ? 6.319   -18.875 14.154  1.00 0.00 ? 14 DT B C6     1 
ATOM 876 H "H5'"  . DT B 1 14 ? 1.893   -18.656 16.010  1.00 0.00 ? 14 DT B "H5'"  1 
ATOM 877 H "H5''" . DT B 1 14 ? 1.751   -20.121 16.997  1.00 0.00 ? 14 DT B "H5''" 1 
ATOM 878 H "H4'"  . DT B 1 14 ? 1.725   -20.653 14.627  1.00 0.00 ? 14 DT B "H4'"  1 
ATOM 879 H "H3'"  . DT B 1 14 ? 3.467   -21.936 16.491  1.00 0.00 ? 14 DT B "H3'"  1 
ATOM 880 H "HO3'" . DT B 1 14 ? 2.842   -22.618 13.803  1.00 0.00 ? 14 DT B "HO3'" 1 
ATOM 881 H "H2'"  . DT B 1 14 ? 5.411   -20.964 15.619  1.00 0.00 ? 14 DT B "H2'"  1 
ATOM 882 H "H2''" . DT B 1 14 ? 5.330   -22.379 14.535  1.00 0.00 ? 14 DT B "H2''" 1 
ATOM 883 H "H1'"  . DT B 1 14 ? 4.080   -21.136 12.877  1.00 0.00 ? 14 DT B "H1'"  1 
ATOM 884 H H3     . DT B 1 14 ? 7.444   -19.129 10.604  1.00 0.00 ? 14 DT B H3     1 
ATOM 885 H H71    . DT B 1 14 ? 8.928   -17.826 15.239  1.00 0.00 ? 14 DT B H71    1 
ATOM 886 H H72    . DT B 1 14 ? 8.533   -16.371 14.308  1.00 0.00 ? 14 DT B H72    1 
ATOM 887 H H73    . DT B 1 14 ? 7.445   -16.925 15.585  1.00 0.00 ? 14 DT B H73    1 
ATOM 888 H H6     . DT B 1 14 ? 5.965   -18.805 15.176  1.00 0.00 ? 14 DT B H6     1 
# 
